data_5ELY
#
_entry.id   5ELY
#
_cell.length_a   101.060
_cell.length_b   130.827
_cell.length_c   158.386
_cell.angle_alpha   90.000
_cell.angle_beta   90.000
_cell.angle_gamma   90.000
#
_symmetry.space_group_name_H-M   'I 2 2 2'
#
loop_
_entity.id
_entity.type
_entity.pdbx_description
1 polymer 'Glutamate carboxypeptidase 2'
2 branched 2-acetamido-2-deoxy-beta-D-glucopyranose-(1-4)-2-acetamido-2-deoxy-beta-D-glucopyranose
3 branched alpha-D-mannopyranose-(1-3)-beta-D-mannopyranose-(1-4)-2-acetamido-2-deoxy-beta-D-glucopyranose-(1-4)-2-acetamido-2-deoxy-beta-D-glucopyranose
4 non-polymer 'ZINC ION'
5 non-polymer 'CALCIUM ION'
6 non-polymer 'CHLORIDE ION'
7 non-polymer 2-acetamido-2-deoxy-beta-D-glucopyranose
8 non-polymer '4-[(2~{R})-2-carboxy-5-(oxidanylamino)-5-oxidanylidene-pentyl]benzoic acid'
9 non-polymer 'ACETATE ION'
10 water water
#
_entity_poly.entity_id   1
_entity_poly.type   'polypeptide(L)'
_entity_poly.pdbx_seq_one_letter_code
;KHNMKAFLDELKAENIKKFLYNFTQIPHLAGTEQNFQLAKQIQSQWKEFGLDSVELAHYDVLLSYPNKTHPNYISIINED
GNEIFNTSLFEPPPPGYENVSDIVPPFSAFSPQGMPEGDLVYVNYARTEDFFKLERDMKINCSGKIVIARYGKVFRGNKV
KNAQLAGAKGVILYSDPADYFAPGVKSYPDGWNLPGGGVQRGNILNLNGAGDPLTPGYPANEYAYRRGIAEAVGLPSIPV
HPIGYYDAQKLLEKMGGSAPPDSSWRGSLKVPYNVGPGFTGNFSTQKVKMHIHSTNEVTRIYNVIGTLRGAVEPDRYVIL
GGHRDSWVFGGIDPQSGAAVVHEIVRSFGTLKKEGWRPRRTILFASWDAEEFGLLGSTEWAEENSRLLQERGVAYINADS
SIEGNYTLRVDCTPLMYSLVHNLTKELKSPDEGFEGKSLYESWTKKSPSPEFSGMPRISKLGSGNDFEVFFQRLGIASGR
ARYTKNWETNKFSGYPLYHSVYETYELVEKFYDPMFKYHLTVAQVRGGMVFELANSIVLPFDCRDYAVVLRKYADKIYSI
SMKHPQEMKTYSVSFDSLFSAVKNFTEIASKFSERLQDFDKSNPIVLRMMNDQLMFLERAFIDPLGLPDRPFYRHVIYAP
SSHNKYAGESFPGIYDALFDIESKVDPSKAWGEVKRQIYVAAFTVQAAAETLSEVA
;
_entity_poly.pdbx_strand_id   A
#
loop_
_chem_comp.id
_chem_comp.type
_chem_comp.name
_chem_comp.formula
5PU non-polymer '4-[(2~{R})-2-carboxy-5-(oxidanylamino)-5-oxidanylidene-pentyl]benzoic acid' 'C13 H15 N O6'
ACT non-polymer 'ACETATE ION' 'C2 H3 O2 -1'
BMA D-saccharide, beta linking beta-D-mannopyranose 'C6 H12 O6'
CA non-polymer 'CALCIUM ION' 'Ca 2'
CL non-polymer 'CHLORIDE ION' 'Cl -1'
MAN D-saccharide, alpha linking alpha-D-mannopyranose 'C6 H12 O6'
NAG D-saccharide, beta linking 2-acetamido-2-deoxy-beta-D-glucopyranose 'C8 H15 N O6'
ZN non-polymer 'ZINC ION' 'Zn 2'
#
# COMPACT_ATOMS: atom_id res chain seq x y z
N LYS A 1 27.03 -13.28 -22.79
CA LYS A 1 25.55 -13.53 -22.82
C LYS A 1 24.72 -12.44 -22.10
N HIS A 2 23.58 -12.08 -22.67
CA HIS A 2 22.63 -11.15 -22.02
C HIS A 2 21.40 -11.95 -21.61
N ASN A 3 21.35 -12.38 -20.36
CA ASN A 3 20.25 -13.16 -19.80
C ASN A 3 20.00 -12.61 -18.42
N MET A 4 19.15 -13.29 -17.65
CA MET A 4 18.77 -12.77 -16.32
CA MET A 4 18.81 -12.71 -16.36
C MET A 4 19.98 -12.71 -15.40
N LYS A 5 20.81 -13.76 -15.45
CA LYS A 5 22.01 -13.78 -14.60
C LYS A 5 22.89 -12.55 -14.85
N ALA A 6 23.12 -12.21 -16.11
CA ALA A 6 23.86 -10.99 -16.45
C ALA A 6 23.25 -9.76 -15.81
N PHE A 7 21.93 -9.63 -15.96
CA PHE A 7 21.23 -8.55 -15.29
C PHE A 7 21.44 -8.56 -13.76
N LEU A 8 21.19 -9.70 -13.15
CA LEU A 8 21.29 -9.81 -11.69
C LEU A 8 22.72 -9.54 -11.16
N ASP A 9 23.73 -10.04 -11.87
CA ASP A 9 25.13 -9.89 -11.38
C ASP A 9 25.61 -8.43 -11.46
N GLU A 10 24.99 -7.62 -12.31
CA GLU A 10 25.42 -6.25 -12.49
C GLU A 10 24.97 -5.37 -11.31
N LEU A 11 23.86 -5.73 -10.68
CA LEU A 11 23.39 -5.09 -9.43
C LEU A 11 24.46 -5.17 -8.32
N LYS A 12 24.78 -4.04 -7.69
CA LYS A 12 25.77 -3.98 -6.60
C LYS A 12 25.20 -3.32 -5.34
N ALA A 13 25.34 -4.00 -4.20
CA ALA A 13 25.04 -3.42 -2.90
C ALA A 13 25.66 -2.03 -2.69
N GLU A 14 26.91 -1.84 -3.12
CA GLU A 14 27.61 -0.57 -2.84
CA GLU A 14 27.64 -0.58 -2.90
C GLU A 14 26.97 0.58 -3.62
N ASN A 15 26.40 0.28 -4.78
CA ASN A 15 25.70 1.34 -5.53
C ASN A 15 24.41 1.75 -4.85
N ILE A 16 23.64 0.78 -4.37
CA ILE A 16 22.36 1.06 -3.67
C ILE A 16 22.66 1.95 -2.44
N LYS A 17 23.76 1.64 -1.74
CA LYS A 17 24.19 2.43 -0.61
C LYS A 17 24.48 3.88 -1.00
N LYS A 18 25.29 4.07 -2.04
N LYS A 18 25.28 4.04 -2.06
CA LYS A 18 25.58 5.43 -2.52
CA LYS A 18 25.61 5.36 -2.67
C LYS A 18 24.29 6.21 -2.87
C LYS A 18 24.39 6.22 -3.04
N PHE A 19 23.41 5.57 -3.66
CA PHE A 19 22.14 6.23 -4.03
C PHE A 19 21.30 6.53 -2.79
N LEU A 20 21.27 5.63 -1.80
CA LEU A 20 20.45 5.91 -0.63
C LEU A 20 20.99 7.14 0.07
N TYR A 21 22.32 7.19 0.23
CA TYR A 21 22.93 8.36 0.86
C TYR A 21 22.57 9.63 0.07
N ASN A 22 22.69 9.55 -1.24
CA ASN A 22 22.42 10.68 -2.12
C ASN A 22 20.96 11.22 -2.02
N PHE A 23 20.03 10.29 -1.80
CA PHE A 23 18.61 10.60 -1.80
C PHE A 23 18.06 11.05 -0.44
N THR A 24 18.89 11.10 0.63
CA THR A 24 18.32 11.23 1.96
C THR A 24 19.02 12.32 2.79
N GLN A 25 19.77 13.18 2.11
CA GLN A 25 20.49 14.27 2.85
C GLN A 25 19.61 15.47 3.18
N ILE A 26 18.55 15.70 2.39
CA ILE A 26 17.63 16.80 2.67
C ILE A 26 16.19 16.26 2.52
N PRO A 27 15.19 16.99 3.05
CA PRO A 27 13.83 16.45 2.94
C PRO A 27 13.34 16.56 1.50
N HIS A 28 12.49 15.63 1.09
CA HIS A 28 11.87 15.69 -0.25
C HIS A 28 10.33 15.62 -0.17
N LEU A 29 9.74 16.53 0.60
CA LEU A 29 8.28 16.58 0.73
C LEU A 29 7.61 16.88 -0.61
N ALA A 30 6.50 16.18 -0.89
CA ALA A 30 5.80 16.42 -2.15
C ALA A 30 5.45 17.90 -2.29
N GLY A 31 5.58 18.40 -3.52
CA GLY A 31 5.20 19.76 -3.82
C GLY A 31 6.27 20.78 -3.46
N THR A 32 7.38 20.34 -2.91
CA THR A 32 8.43 21.32 -2.55
C THR A 32 9.52 21.42 -3.62
N GLU A 33 10.24 22.55 -3.61
CA GLU A 33 11.34 22.73 -4.55
C GLU A 33 12.39 21.61 -4.49
N GLN A 34 12.74 21.14 -3.29
CA GLN A 34 13.76 20.07 -3.18
C GLN A 34 13.36 18.79 -3.86
N ASN A 35 12.07 18.48 -3.82
CA ASN A 35 11.61 17.25 -4.48
C ASN A 35 11.54 17.38 -6.02
N PHE A 36 11.28 18.61 -6.52
CA PHE A 36 11.39 18.90 -7.96
C PHE A 36 12.85 18.78 -8.38
N GLN A 37 13.77 19.32 -7.58
N GLN A 37 13.76 19.34 -7.56
CA GLN A 37 15.19 19.17 -7.92
CA GLN A 37 15.20 19.20 -7.80
C GLN A 37 15.63 17.70 -7.95
C GLN A 37 15.63 17.73 -7.91
N LEU A 38 15.18 16.90 -6.97
CA LEU A 38 15.47 15.46 -6.99
C LEU A 38 14.86 14.81 -8.27
N ALA A 39 13.62 15.18 -8.62
CA ALA A 39 13.03 14.62 -9.89
C ALA A 39 13.93 14.92 -11.08
N LYS A 40 14.43 16.14 -11.16
CA LYS A 40 15.27 16.52 -12.31
C LYS A 40 16.58 15.72 -12.31
N GLN A 41 17.14 15.48 -11.11
CA GLN A 41 18.36 14.67 -10.99
C GLN A 41 18.11 13.25 -11.49
N ILE A 42 17.01 12.67 -11.04
CA ILE A 42 16.69 11.32 -11.44
C ILE A 42 16.45 11.21 -12.93
N GLN A 43 15.76 12.19 -13.49
CA GLN A 43 15.54 12.19 -14.93
C GLN A 43 16.90 12.21 -15.67
N SER A 44 17.76 13.13 -15.27
CA SER A 44 19.11 13.22 -15.88
C SER A 44 19.89 11.91 -15.80
N GLN A 45 19.89 11.30 -14.61
CA GLN A 45 20.64 10.07 -14.39
C GLN A 45 20.04 8.88 -15.12
N TRP A 46 18.71 8.75 -15.12
CA TRP A 46 18.17 7.68 -15.94
C TRP A 46 18.51 7.81 -17.44
N LYS A 47 18.58 9.04 -17.97
CA LYS A 47 19.06 9.21 -19.37
C LYS A 47 20.53 8.77 -19.51
N GLU A 48 21.36 9.21 -18.58
CA GLU A 48 22.81 8.86 -18.47
CA GLU A 48 22.78 8.83 -18.63
C GLU A 48 22.94 7.32 -18.46
N PHE A 49 22.07 6.69 -17.67
CA PHE A 49 22.06 5.22 -17.49
C PHE A 49 21.72 4.45 -18.75
N GLY A 50 21.07 5.12 -19.70
CA GLY A 50 20.83 4.57 -21.00
C GLY A 50 19.39 4.37 -21.44
N LEU A 51 18.39 4.83 -20.65
CA LEU A 51 16.97 4.72 -21.10
C LEU A 51 16.70 5.50 -22.40
N ASP A 52 15.78 4.98 -23.22
CA ASP A 52 15.45 5.63 -24.50
C ASP A 52 14.83 7.02 -24.37
N SER A 53 13.93 7.18 -23.40
CA SER A 53 13.34 8.51 -23.16
C SER A 53 13.09 8.60 -21.67
N VAL A 54 13.21 9.81 -21.13
CA VAL A 54 12.90 10.02 -19.74
C VAL A 54 12.24 11.39 -19.61
N GLU A 55 10.97 11.39 -19.18
CA GLU A 55 10.19 12.62 -19.17
C GLU A 55 9.65 12.90 -17.78
N LEU A 56 9.38 14.17 -17.47
CA LEU A 56 8.58 14.47 -16.30
C LEU A 56 7.09 14.61 -16.68
N ALA A 57 6.21 13.97 -15.93
CA ALA A 57 4.78 14.15 -16.14
C ALA A 57 4.32 14.88 -14.89
N HIS A 58 3.86 16.11 -15.06
CA HIS A 58 3.43 16.92 -13.90
C HIS A 58 1.92 17.09 -13.86
N TYR A 59 1.40 17.31 -12.66
CA TYR A 59 -0.04 17.51 -12.40
C TYR A 59 -0.13 18.55 -11.30
N ASP A 60 -1.30 19.15 -11.18
CA ASP A 60 -1.53 20.14 -10.11
C ASP A 60 -2.64 19.60 -9.26
N VAL A 61 -2.26 19.16 -8.06
CA VAL A 61 -3.14 18.37 -7.19
C VAL A 61 -3.31 19.06 -5.82
N LEU A 62 -4.35 18.68 -5.09
CA LEU A 62 -4.55 19.23 -3.75
C LEU A 62 -3.55 18.61 -2.77
N LEU A 63 -2.70 19.42 -2.13
CA LEU A 63 -1.77 18.96 -1.05
C LEU A 63 -2.13 19.76 0.19
N SER A 64 -1.40 19.53 1.30
CA SER A 64 -1.77 20.05 2.61
C SER A 64 -0.48 20.27 3.38
N TYR A 65 -0.36 21.43 4.03
CA TYR A 65 0.84 21.73 4.76
C TYR A 65 0.49 22.54 6.01
N PRO A 66 1.30 22.39 7.05
CA PRO A 66 1.14 23.28 8.23
C PRO A 66 1.44 24.74 7.88
N ASN A 67 0.90 25.66 8.67
CA ASN A 67 1.19 27.06 8.46
C ASN A 67 2.50 27.34 9.23
N LYS A 68 3.53 27.76 8.51
CA LYS A 68 4.87 27.98 9.09
C LYS A 68 4.92 29.03 10.22
N THR A 69 4.03 30.01 10.17
CA THR A 69 4.03 31.10 11.17
C THR A 69 2.89 30.96 12.19
N HIS A 70 2.20 29.82 12.16
CA HIS A 70 1.05 29.59 13.01
C HIS A 70 0.97 28.09 13.35
N PRO A 71 1.88 27.61 14.22
CA PRO A 71 2.04 26.15 14.44
C PRO A 71 0.84 25.41 15.05
N ASN A 72 0.67 24.15 14.63
CA ASN A 72 -0.34 23.26 15.20
C ASN A 72 0.16 22.74 16.53
N TYR A 73 -0.78 22.65 17.49
CA TYR A 73 -0.52 21.98 18.80
C TYR A 73 -1.81 21.65 19.53
N ILE A 74 -1.69 20.88 20.62
CA ILE A 74 -2.83 20.49 21.44
C ILE A 74 -2.51 20.98 22.88
N SER A 75 -3.56 21.43 23.56
CA SER A 75 -3.46 21.94 24.96
C SER A 75 -4.38 21.20 25.91
N ILE A 76 -3.97 21.11 27.19
CA ILE A 76 -4.96 21.00 28.25
C ILE A 76 -5.19 22.43 28.76
N ILE A 77 -6.45 22.81 28.82
CA ILE A 77 -6.86 24.15 29.31
C ILE A 77 -7.54 23.99 30.70
N ASN A 82 -6.77 29.06 30.56
CA ASN A 82 -5.33 28.88 30.79
C ASN A 82 -4.83 27.56 30.22
N GLU A 83 -3.82 27.64 29.36
CA GLU A 83 -3.23 26.45 28.72
C GLU A 83 -2.05 25.94 29.54
N ILE A 84 -2.29 24.85 30.26
CA ILE A 84 -1.37 24.35 31.29
C ILE A 84 -0.41 23.26 30.80
N PHE A 85 -0.72 22.69 29.64
CA PHE A 85 0.22 21.79 28.98
C PHE A 85 0.02 21.99 27.48
N ASN A 86 1.13 22.08 26.76
CA ASN A 86 1.14 22.10 25.28
C ASN A 86 1.94 20.94 24.72
N THR A 87 1.41 20.29 23.67
CA THR A 87 2.20 19.25 22.97
C THR A 87 3.36 19.95 22.24
N SER A 88 4.32 19.18 21.73
CA SER A 88 5.52 19.72 21.08
C SER A 88 5.21 20.40 19.74
N LEU A 89 6.06 21.35 19.35
CA LEU A 89 5.89 22.02 18.07
C LEU A 89 6.68 21.30 16.96
N PHE A 90 7.57 20.37 17.36
CA PHE A 90 8.43 19.64 16.41
C PHE A 90 9.08 18.50 17.12
N GLU A 91 9.53 17.49 16.37
CA GLU A 91 10.34 16.41 16.96
C GLU A 91 11.78 16.90 17.13
N PRO A 92 12.42 16.55 18.27
CA PRO A 92 13.84 16.91 18.39
C PRO A 92 14.64 16.37 17.20
N PRO A 93 15.31 17.28 16.44
CA PRO A 93 15.93 16.72 15.24
C PRO A 93 17.09 15.78 15.58
N PRO A 94 17.35 14.80 14.69
CA PRO A 94 18.41 13.83 14.90
C PRO A 94 19.82 14.49 14.86
N PRO A 95 20.81 13.86 15.53
CA PRO A 95 22.19 14.42 15.60
C PRO A 95 22.78 14.80 14.23
N GLY A 96 23.32 16.00 14.13
CA GLY A 96 24.02 16.41 12.94
C GLY A 96 23.09 17.01 11.86
N TYR A 97 21.78 16.98 12.11
CA TYR A 97 20.89 17.49 11.07
C TYR A 97 20.66 18.99 11.22
N GLU A 98 20.93 19.71 10.11
CA GLU A 98 20.96 21.19 10.06
C GLU A 98 19.82 22.01 9.39
N ASN A 99 18.95 21.48 8.55
CA ASN A 99 18.00 22.49 7.98
C ASN A 99 16.62 22.54 8.60
N VAL A 100 16.64 22.43 9.92
CA VAL A 100 15.50 21.96 10.73
C VAL A 100 14.15 22.66 10.54
N SER A 101 14.17 23.90 10.03
CA SER A 101 12.92 24.61 9.74
C SER A 101 12.27 24.07 8.47
N ASP A 102 13.06 23.61 7.48
CA ASP A 102 12.49 22.95 6.30
C ASP A 102 12.09 21.49 6.55
N ILE A 103 12.32 21.04 7.78
CA ILE A 103 11.73 19.79 8.21
C ILE A 103 10.27 20.11 8.53
N VAL A 104 9.33 19.50 7.81
CA VAL A 104 7.91 19.74 8.11
C VAL A 104 7.59 19.14 9.48
N PRO A 105 7.02 19.94 10.41
CA PRO A 105 6.67 19.36 11.72
C PRO A 105 5.53 18.34 11.59
N PRO A 106 5.38 17.45 12.60
CA PRO A 106 4.34 16.46 12.50
C PRO A 106 2.95 17.10 12.34
N PHE A 107 2.17 16.54 11.43
CA PHE A 107 0.80 16.98 11.22
C PHE A 107 0.07 15.87 10.49
N SER A 108 -1.27 15.96 10.44
CA SER A 108 -2.08 14.97 9.74
C SER A 108 -2.51 15.65 8.46
N ALA A 109 -1.97 15.20 7.33
CA ALA A 109 -2.24 15.86 6.07
C ALA A 109 -3.72 15.81 5.74
N PHE A 110 -4.23 16.97 5.33
CA PHE A 110 -5.63 17.25 4.92
C PHE A 110 -6.61 17.55 6.08
N SER A 111 -6.08 17.63 7.29
CA SER A 111 -6.95 18.06 8.41
C SER A 111 -7.60 19.40 8.07
N PRO A 112 -8.92 19.54 8.35
CA PRO A 112 -9.42 20.92 8.30
C PRO A 112 -8.85 21.77 9.45
N GLN A 113 -8.99 23.09 9.33
CA GLN A 113 -8.66 24.02 10.42
C GLN A 113 -9.70 24.02 11.53
N GLY A 114 -9.30 24.46 12.71
CA GLY A 114 -10.24 24.42 13.82
C GLY A 114 -9.52 24.59 15.13
N MET A 115 -10.29 24.93 16.16
CA MET A 115 -9.81 24.92 17.53
C MET A 115 -10.88 24.32 18.45
N PRO A 116 -11.32 23.07 18.18
CA PRO A 116 -12.32 22.47 19.07
C PRO A 116 -11.82 22.23 20.51
N GLU A 117 -12.68 22.58 21.49
CA GLU A 117 -12.42 22.36 22.93
C GLU A 117 -13.42 21.35 23.44
N GLY A 118 -12.98 20.42 24.27
CA GLY A 118 -13.89 19.36 24.71
C GLY A 118 -13.25 18.37 25.65
N ASP A 119 -13.96 17.27 25.87
CA ASP A 119 -13.52 16.22 26.77
C ASP A 119 -13.11 14.98 25.99
N LEU A 120 -12.09 14.31 26.49
CA LEU A 120 -11.48 13.21 25.80
C LEU A 120 -12.24 11.91 26.00
N VAL A 121 -12.32 11.10 24.94
CA VAL A 121 -12.69 9.69 25.03
C VAL A 121 -11.56 8.90 24.37
N TYR A 122 -11.29 7.70 24.90
CA TYR A 122 -10.19 6.91 24.45
C TYR A 122 -10.77 5.70 23.73
N VAL A 123 -10.44 5.63 22.43
CA VAL A 123 -11.15 4.73 21.53
C VAL A 123 -10.28 3.59 21.08
N ASN A 124 -9.25 3.30 21.87
CA ASN A 124 -8.32 2.22 21.52
C ASN A 124 -7.73 2.50 20.10
N TYR A 125 -7.82 1.55 19.16
CA TYR A 125 -7.34 1.76 17.76
C TYR A 125 -8.32 2.45 16.80
N ALA A 126 -9.48 2.84 17.31
CA ALA A 126 -10.58 3.37 16.50
C ALA A 126 -10.98 2.47 15.31
N ARG A 127 -10.85 1.15 15.49
CA ARG A 127 -11.36 0.20 14.50
C ARG A 127 -12.91 0.19 14.52
N THR A 128 -13.49 -0.37 13.45
CA THR A 128 -14.93 -0.61 13.40
C THR A 128 -15.32 -1.41 14.66
N GLU A 129 -14.64 -2.53 14.88
CA GLU A 129 -14.91 -3.37 16.07
C GLU A 129 -14.80 -2.62 17.40
N ASP A 130 -13.81 -1.72 17.52
CA ASP A 130 -13.62 -0.92 18.77
C ASP A 130 -14.80 0.04 19.01
N PHE A 131 -15.33 0.63 17.95
CA PHE A 131 -16.46 1.56 18.07
C PHE A 131 -17.77 0.86 18.37
N PHE A 132 -17.94 -0.33 17.77
CA PHE A 132 -19.06 -1.27 18.08
C PHE A 132 -19.08 -1.59 19.58
N LYS A 133 -17.90 -1.93 20.12
CA LYS A 133 -17.71 -2.24 21.55
C LYS A 133 -17.95 -1.04 22.49
N LEU A 134 -17.58 0.16 22.06
CA LEU A 134 -17.87 1.38 22.81
C LEU A 134 -19.36 1.62 22.92
N GLU A 135 -20.06 1.58 21.79
CA GLU A 135 -21.46 2.02 21.75
C GLU A 135 -22.44 0.92 22.13
N ARG A 136 -22.23 -0.27 21.58
CA ARG A 136 -23.15 -1.42 21.73
C ARG A 136 -22.98 -2.21 23.05
N ASP A 137 -21.75 -2.35 23.54
CA ASP A 137 -21.45 -3.09 24.78
C ASP A 137 -21.32 -2.18 26.01
N MET A 138 -20.69 -1.02 25.84
CA MET A 138 -20.34 -0.13 26.96
C MET A 138 -21.25 1.09 27.05
N LYS A 139 -22.15 1.23 26.07
CA LYS A 139 -23.08 2.37 26.03
C LYS A 139 -22.38 3.74 26.24
N ILE A 140 -21.22 3.91 25.58
CA ILE A 140 -20.48 5.18 25.64
C ILE A 140 -20.71 5.95 24.34
N ASN A 141 -20.89 7.26 24.46
CA ASN A 141 -21.30 8.11 23.34
C ASN A 141 -20.22 9.12 22.94
N CYS A 142 -19.71 8.99 21.72
CA CYS A 142 -18.58 9.81 21.26
C CYS A 142 -18.98 11.20 20.75
N SER A 143 -20.27 11.41 20.52
CA SER A 143 -20.79 12.68 20.01
C SER A 143 -20.31 13.93 20.78
N GLY A 144 -19.66 14.86 20.07
CA GLY A 144 -19.15 16.11 20.67
C GLY A 144 -17.87 15.95 21.50
N LYS A 145 -17.36 14.72 21.60
CA LYS A 145 -16.10 14.43 22.32
C LYS A 145 -14.89 14.60 21.38
N ILE A 146 -13.71 14.82 21.97
CA ILE A 146 -12.44 14.67 21.23
C ILE A 146 -11.98 13.24 21.46
N VAL A 147 -11.79 12.45 20.40
CA VAL A 147 -11.31 11.09 20.63
C VAL A 147 -9.78 11.04 20.53
N ILE A 148 -9.18 10.24 21.40
CA ILE A 148 -7.76 9.99 21.32
C ILE A 148 -7.61 8.52 21.00
N ALA A 149 -6.85 8.24 19.94
CA ALA A 149 -6.70 6.90 19.49
C ALA A 149 -5.24 6.62 19.27
N ARG A 150 -4.86 5.38 19.48
CA ARG A 150 -3.54 4.97 19.16
C ARG A 150 -3.48 4.48 17.71
N TYR A 151 -2.34 4.80 17.09
CA TYR A 151 -2.01 4.30 15.78
C TYR A 151 -1.91 2.79 15.84
N GLY A 152 -2.18 2.17 14.68
CA GLY A 152 -1.90 0.74 14.44
C GLY A 152 -3.16 -0.01 14.02
N LYS A 153 -2.95 -1.22 13.53
CA LYS A 153 -4.06 -2.18 13.21
C LYS A 153 -4.66 -1.89 11.86
N VAL A 154 -5.04 -0.62 11.65
CA VAL A 154 -5.66 -0.20 10.40
C VAL A 154 -5.16 1.16 9.95
N PHE A 155 -5.46 1.47 8.70
CA PHE A 155 -5.08 2.77 8.14
C PHE A 155 -5.63 3.93 8.93
N ARG A 156 -4.77 4.93 9.20
CA ARG A 156 -5.21 6.03 10.05
C ARG A 156 -6.42 6.82 9.55
N GLY A 157 -6.61 6.88 8.24
CA GLY A 157 -7.79 7.54 7.68
C GLY A 157 -9.09 6.84 8.07
N ASN A 158 -9.04 5.51 8.13
CA ASN A 158 -10.18 4.69 8.57
C ASN A 158 -10.55 5.04 10.02
N LYS A 159 -9.54 5.33 10.88
CA LYS A 159 -9.77 5.84 12.26
C LYS A 159 -10.56 7.15 12.26
N VAL A 160 -10.15 8.11 11.43
CA VAL A 160 -10.80 9.41 11.38
C VAL A 160 -12.24 9.27 10.80
N LYS A 161 -12.41 8.40 9.80
CA LYS A 161 -13.74 8.13 9.20
C LYS A 161 -14.62 7.50 10.27
N ASN A 162 -14.09 6.45 10.92
CA ASN A 162 -14.80 5.73 12.02
C ASN A 162 -15.18 6.73 13.11
N ALA A 163 -14.24 7.59 13.51
CA ALA A 163 -14.51 8.66 14.50
C ALA A 163 -15.58 9.65 14.07
N GLN A 164 -15.52 10.06 12.81
CA GLN A 164 -16.48 11.03 12.29
C GLN A 164 -17.88 10.45 12.41
N LEU A 165 -18.04 9.18 12.00
CA LEU A 165 -19.36 8.55 11.92
C LEU A 165 -19.94 8.30 13.30
N ALA A 166 -19.07 8.16 14.31
CA ALA A 166 -19.49 8.14 15.72
C ALA A 166 -19.71 9.55 16.31
N GLY A 167 -19.60 10.60 15.50
CA GLY A 167 -19.96 11.95 15.93
C GLY A 167 -18.93 12.82 16.65
N ALA A 168 -17.68 12.34 16.71
CA ALA A 168 -16.58 13.08 17.38
C ALA A 168 -16.33 14.45 16.75
N LYS A 169 -15.74 15.37 17.52
CA LYS A 169 -15.43 16.69 16.97
C LYS A 169 -13.92 16.95 16.78
N GLY A 170 -13.12 15.93 17.04
CA GLY A 170 -11.66 16.03 16.87
C GLY A 170 -11.04 14.67 17.11
N VAL A 171 -9.87 14.43 16.48
CA VAL A 171 -9.14 13.22 16.71
C VAL A 171 -7.68 13.57 17.04
N ILE A 172 -7.16 12.90 18.07
CA ILE A 172 -5.74 12.97 18.41
C ILE A 172 -5.20 11.58 18.20
N LEU A 173 -4.15 11.46 17.37
CA LEU A 173 -3.55 10.18 17.11
C LEU A 173 -2.23 10.13 17.85
N TYR A 174 -1.88 9.00 18.41
CA TYR A 174 -0.56 8.93 19.06
C TYR A 174 0.01 7.56 18.87
N SER A 175 1.33 7.43 19.00
CA SER A 175 1.99 6.13 18.90
C SER A 175 2.22 5.55 20.31
N ASP A 176 1.55 4.45 20.62
CA ASP A 176 1.74 3.78 21.93
C ASP A 176 2.95 2.84 21.84
N PRO A 177 3.83 2.85 22.90
CA PRO A 177 4.98 1.95 22.91
C PRO A 177 4.57 0.49 22.77
N ALA A 178 3.35 0.12 23.14
CA ALA A 178 2.93 -1.29 22.98
C ALA A 178 3.01 -1.73 21.53
N ASP A 179 2.72 -0.79 20.63
CA ASP A 179 2.71 -1.06 19.21
C ASP A 179 3.99 -0.63 18.49
N TYR A 180 4.69 0.39 19.00
CA TYR A 180 5.80 0.98 18.26
C TYR A 180 7.15 0.99 18.96
N PHE A 181 7.30 0.20 20.03
CA PHE A 181 8.56 0.22 20.75
C PHE A 181 8.89 -1.22 20.95
N ALA A 182 9.93 -1.71 20.29
CA ALA A 182 10.28 -3.12 20.39
C ALA A 182 11.01 -3.37 21.72
N PRO A 183 10.63 -4.44 22.46
CA PRO A 183 11.31 -4.72 23.74
C PRO A 183 12.82 -4.84 23.59
N GLY A 184 13.55 -4.16 24.46
CA GLY A 184 15.00 -4.36 24.56
C GLY A 184 15.87 -3.76 23.47
N VAL A 185 15.30 -2.87 22.66
CA VAL A 185 16.09 -2.17 21.63
C VAL A 185 16.16 -0.71 22.04
N LYS A 186 17.31 -0.07 21.84
N LYS A 186 17.31 -0.10 21.75
CA LYS A 186 17.45 1.31 22.29
CA LYS A 186 17.59 1.28 22.08
C LYS A 186 16.90 2.23 21.21
C LYS A 186 16.79 2.20 21.15
N SER A 187 16.35 3.35 21.67
CA SER A 187 15.73 4.40 20.83
C SER A 187 16.75 5.15 20.03
N TYR A 188 16.31 5.66 18.87
CA TYR A 188 17.16 6.45 18.01
C TYR A 188 17.76 7.61 18.83
N PRO A 189 19.05 7.93 18.61
CA PRO A 189 20.01 7.51 17.60
C PRO A 189 20.87 6.27 17.92
N ASP A 190 20.59 5.59 19.01
CA ASP A 190 21.44 4.49 19.46
C ASP A 190 20.86 3.13 19.13
N GLY A 191 19.68 3.15 18.51
CA GLY A 191 19.02 1.92 18.09
C GLY A 191 17.85 2.32 17.21
N TRP A 192 17.03 1.33 16.84
CA TRP A 192 15.92 1.62 15.88
C TRP A 192 14.53 1.84 16.48
N ASN A 193 14.46 2.09 17.80
CA ASN A 193 13.20 2.30 18.46
C ASN A 193 12.78 3.74 18.44
N LEU A 194 11.49 3.95 18.70
CA LEU A 194 10.85 5.26 18.66
C LEU A 194 11.07 5.95 20.00
N PRO A 195 11.70 7.12 19.98
CA PRO A 195 11.78 7.87 21.24
C PRO A 195 10.45 8.53 21.53
N GLY A 196 10.25 8.95 22.79
CA GLY A 196 9.00 9.60 23.21
C GLY A 196 8.58 10.89 22.52
N GLY A 197 9.55 11.56 21.89
CA GLY A 197 9.30 12.78 21.14
C GLY A 197 9.04 12.51 19.65
N GLY A 198 9.20 11.26 19.22
CA GLY A 198 9.01 10.89 17.78
C GLY A 198 7.54 10.89 17.45
N VAL A 199 7.16 11.19 16.19
CA VAL A 199 5.73 11.31 15.84
C VAL A 199 5.57 10.76 14.41
N GLN A 200 4.51 10.00 14.23
CA GLN A 200 4.19 9.44 12.91
C GLN A 200 3.36 10.45 12.14
N ARG A 201 3.94 11.02 11.09
CA ARG A 201 3.12 11.76 10.11
C ARG A 201 2.20 10.85 9.29
N GLY A 202 1.32 11.47 8.51
CA GLY A 202 0.55 10.66 7.56
C GLY A 202 -0.75 11.26 7.14
N ASN A 203 -1.16 11.01 5.88
CA ASN A 203 -2.45 11.59 5.48
C ASN A 203 -3.60 10.81 6.12
N ILE A 204 -4.75 11.45 6.20
CA ILE A 204 -5.96 10.89 6.85
C ILE A 204 -7.15 10.95 5.89
N LEU A 205 -6.87 10.75 4.62
CA LEU A 205 -7.90 10.80 3.60
C LEU A 205 -8.71 9.51 3.54
N ASN A 206 -9.91 9.60 3.00
N ASN A 206 -9.89 9.59 2.94
CA ASN A 206 -10.69 8.41 2.64
CA ASN A 206 -10.71 8.40 2.64
C ASN A 206 -11.11 8.53 1.17
C ASN A 206 -11.13 8.44 1.17
N LEU A 207 -10.15 8.37 0.26
CA LEU A 207 -10.39 8.63 -1.16
C LEU A 207 -11.04 7.46 -1.88
N ASN A 208 -10.98 6.26 -1.29
CA ASN A 208 -11.46 5.04 -2.04
C ASN A 208 -10.93 4.94 -3.46
N GLY A 209 -9.64 5.24 -3.60
CA GLY A 209 -9.02 5.06 -4.86
C GLY A 209 -9.15 6.19 -5.88
N ALA A 210 -9.71 7.32 -5.50
CA ALA A 210 -9.99 8.40 -6.46
C ALA A 210 -8.76 9.19 -6.90
N GLY A 211 -7.68 9.17 -6.12
CA GLY A 211 -6.55 10.05 -6.45
C GLY A 211 -6.81 11.51 -5.96
N ASP A 212 -6.33 12.49 -6.70
CA ASP A 212 -6.56 13.91 -6.33
C ASP A 212 -8.03 14.17 -6.05
N PRO A 213 -8.35 14.67 -4.85
CA PRO A 213 -9.70 14.88 -4.43
C PRO A 213 -10.49 15.77 -5.39
N LEU A 214 -9.80 16.66 -6.09
CA LEU A 214 -10.49 17.64 -6.95
C LEU A 214 -10.77 17.20 -8.40
N THR A 215 -10.19 16.06 -8.84
CA THR A 215 -10.33 15.64 -10.24
C THR A 215 -10.58 14.15 -10.43
N PRO A 216 -11.53 13.59 -9.67
CA PRO A 216 -11.73 12.12 -9.75
C PRO A 216 -12.12 11.66 -11.15
N GLY A 217 -11.33 10.71 -11.69
CA GLY A 217 -11.59 10.13 -13.02
C GLY A 217 -10.71 10.69 -14.14
N TYR A 218 -10.13 11.89 -13.93
CA TYR A 218 -9.46 12.58 -15.03
C TYR A 218 -8.13 13.19 -14.51
N PRO A 219 -7.10 13.26 -15.37
CA PRO A 219 -5.84 13.81 -14.90
C PRO A 219 -5.92 15.31 -14.56
N ALA A 220 -5.27 15.67 -13.45
CA ALA A 220 -5.19 17.09 -13.00
C ALA A 220 -4.18 17.86 -13.88
N ASN A 221 -4.53 18.00 -15.15
CA ASN A 221 -3.64 18.61 -16.16
C ASN A 221 -3.91 20.13 -16.17
N GLU A 222 -3.37 20.81 -17.20
N GLU A 222 -3.31 20.88 -17.10
CA GLU A 222 -3.36 22.28 -17.31
CA GLU A 222 -3.46 22.34 -16.95
C GLU A 222 -4.74 22.91 -17.49
C GLU A 222 -4.89 22.82 -17.19
N TYR A 223 -5.67 22.12 -18.01
CA TYR A 223 -7.03 22.63 -18.30
C TYR A 223 -8.12 21.99 -17.50
N ALA A 224 -7.73 21.26 -16.44
CA ALA A 224 -8.70 20.48 -15.67
C ALA A 224 -9.72 21.38 -15.05
N TYR A 225 -10.96 20.88 -14.94
CA TYR A 225 -12.01 21.60 -14.17
C TYR A 225 -11.98 20.94 -12.81
N ARG A 226 -11.90 21.73 -11.77
CA ARG A 226 -11.80 21.12 -10.44
C ARG A 226 -13.08 21.28 -9.65
N ARG A 227 -13.42 20.25 -8.87
CA ARG A 227 -14.46 20.41 -7.83
C ARG A 227 -14.05 21.49 -6.83
N GLY A 228 -15.05 22.20 -6.30
CA GLY A 228 -14.84 23.05 -5.14
C GLY A 228 -14.45 22.17 -3.95
N ILE A 229 -13.72 22.74 -3.00
CA ILE A 229 -13.37 22.01 -1.77
C ILE A 229 -14.57 21.39 -1.12
N ALA A 230 -15.71 22.08 -1.13
CA ALA A 230 -16.92 21.53 -0.55
C ALA A 230 -17.34 20.21 -1.17
N GLU A 231 -17.15 20.05 -2.48
CA GLU A 231 -17.51 18.82 -3.20
C GLU A 231 -16.35 17.80 -3.33
N ALA A 232 -15.20 18.08 -2.74
CA ALA A 232 -14.00 17.25 -2.92
C ALA A 232 -14.20 15.79 -2.43
N VAL A 233 -13.42 14.85 -2.96
CA VAL A 233 -13.54 13.43 -2.56
C VAL A 233 -12.70 13.18 -1.31
N GLY A 234 -13.29 12.68 -0.25
CA GLY A 234 -12.47 12.10 0.83
C GLY A 234 -11.83 12.93 1.92
N LEU A 235 -12.12 14.23 1.98
CA LEU A 235 -11.48 15.12 2.99
C LEU A 235 -12.12 14.91 4.35
N PRO A 236 -11.30 14.94 5.41
CA PRO A 236 -11.86 14.78 6.74
C PRO A 236 -12.62 16.04 7.15
N SER A 237 -13.62 15.87 8.01
CA SER A 237 -14.53 16.97 8.39
CA SER A 237 -14.48 17.01 8.38
C SER A 237 -14.23 17.54 9.78
N ILE A 238 -13.34 16.88 10.52
CA ILE A 238 -12.94 17.31 11.89
C ILE A 238 -11.42 17.38 11.96
N PRO A 239 -10.89 18.31 12.76
CA PRO A 239 -9.45 18.46 12.95
C PRO A 239 -8.79 17.21 13.56
N VAL A 240 -7.53 16.96 13.15
CA VAL A 240 -6.77 15.75 13.50
C VAL A 240 -5.30 16.15 13.64
N HIS A 241 -4.62 15.56 14.63
CA HIS A 241 -3.22 15.86 14.86
C HIS A 241 -2.55 14.68 15.54
N PRO A 242 -1.31 14.36 15.13
CA PRO A 242 -0.61 13.21 15.73
C PRO A 242 0.41 13.70 16.75
N ILE A 243 0.67 12.87 17.76
CA ILE A 243 1.65 13.22 18.82
C ILE A 243 2.45 11.97 19.23
N GLY A 244 3.53 12.18 19.96
CA GLY A 244 4.31 11.08 20.47
C GLY A 244 3.85 10.60 21.84
N TYR A 245 4.49 9.54 22.36
CA TYR A 245 4.02 8.98 23.60
C TYR A 245 4.36 9.79 24.89
N TYR A 246 5.37 10.66 24.85
CA TYR A 246 5.56 11.62 25.99
C TYR A 246 4.36 12.55 26.11
N ASP A 247 3.94 13.11 24.97
CA ASP A 247 2.78 14.00 24.94
C ASP A 247 1.48 13.24 25.20
N ALA A 248 1.35 12.05 24.63
CA ALA A 248 0.17 11.18 24.89
C ALA A 248 0.02 10.84 26.40
N GLN A 249 1.13 10.59 27.06
CA GLN A 249 1.07 10.29 28.52
C GLN A 249 0.44 11.45 29.29
N LYS A 250 0.83 12.68 28.95
CA LYS A 250 0.28 13.85 29.58
C LYS A 250 -1.24 13.98 29.38
N LEU A 251 -1.72 13.61 28.19
CA LEU A 251 -3.15 13.70 27.90
C LEU A 251 -3.95 12.54 28.50
N LEU A 252 -3.33 11.38 28.70
CA LEU A 252 -4.10 10.19 29.07
C LEU A 252 -4.17 9.96 30.59
N GLU A 253 -3.28 10.62 31.32
CA GLU A 253 -3.05 10.22 32.71
C GLU A 253 -4.23 10.63 33.61
N LYS A 254 -4.94 11.69 33.22
CA LYS A 254 -6.09 12.15 33.98
C LYS A 254 -7.44 11.53 33.57
N MET A 255 -7.43 10.63 32.59
CA MET A 255 -8.68 10.03 32.06
C MET A 255 -9.55 9.25 33.10
N GLY A 256 -10.84 9.61 33.16
CA GLY A 256 -11.81 8.99 34.07
C GLY A 256 -12.86 8.10 33.41
N GLY A 257 -14.08 8.15 33.95
CA GLY A 257 -15.19 7.31 33.44
C GLY A 257 -14.86 5.82 33.46
N SER A 258 -15.46 5.07 32.53
CA SER A 258 -15.31 3.61 32.50
C SER A 258 -13.87 3.10 32.34
N ALA A 259 -13.55 2.02 33.04
CA ALA A 259 -12.26 1.34 32.87
C ALA A 259 -12.19 0.70 31.48
N PRO A 260 -10.99 0.33 31.01
CA PRO A 260 -10.93 -0.42 29.74
C PRO A 260 -11.69 -1.76 29.85
N PRO A 261 -12.45 -2.13 28.80
CA PRO A 261 -13.28 -3.35 28.86
C PRO A 261 -12.48 -4.63 29.06
N ASP A 262 -11.23 -4.64 28.59
CA ASP A 262 -10.33 -5.77 28.74
C ASP A 262 -8.88 -5.31 28.48
N SER A 263 -7.93 -6.24 28.59
N SER A 263 -7.94 -6.24 28.56
CA SER A 263 -6.51 -5.93 28.43
CA SER A 263 -6.50 -5.95 28.43
C SER A 263 -6.12 -5.45 27.02
C SER A 263 -6.04 -5.59 27.01
N SER A 264 -6.90 -5.86 26.01
CA SER A 264 -6.61 -5.49 24.60
C SER A 264 -6.83 -4.00 24.32
N TRP A 265 -7.32 -3.27 25.32
CA TRP A 265 -7.55 -1.83 25.27
C TRP A 265 -6.47 -1.02 26.00
N ARG A 266 -5.54 -1.72 26.66
CA ARG A 266 -4.42 -1.10 27.40
C ARG A 266 -3.11 -1.22 26.63
N GLY A 267 -2.47 -0.09 26.35
CA GLY A 267 -1.11 -0.09 25.83
C GLY A 267 -0.09 -0.16 26.97
N SER A 268 1.11 0.34 26.71
CA SER A 268 2.27 0.21 27.61
C SER A 268 2.57 1.40 28.50
N LEU A 269 1.84 2.50 28.37
CA LEU A 269 2.13 3.67 29.19
C LEU A 269 1.64 3.48 30.64
N LYS A 270 2.26 4.22 31.55
CA LYS A 270 1.90 4.14 32.97
C LYS A 270 0.68 5.00 33.23
N VAL A 271 -0.45 4.55 32.70
CA VAL A 271 -1.71 5.25 32.80
C VAL A 271 -2.80 4.19 32.88
N PRO A 272 -3.99 4.57 33.36
CA PRO A 272 -5.06 3.57 33.47
C PRO A 272 -5.69 3.14 32.14
N TYR A 273 -5.63 4.01 31.13
CA TYR A 273 -6.30 3.75 29.84
C TYR A 273 -7.83 3.70 30.02
N ASN A 274 -8.30 4.58 30.90
CA ASN A 274 -9.72 4.74 31.11
C ASN A 274 -10.31 5.33 29.85
N VAL A 275 -11.45 4.78 29.45
CA VAL A 275 -12.09 5.17 28.22
C VAL A 275 -12.71 6.56 28.31
N GLY A 276 -12.90 7.06 29.53
CA GLY A 276 -13.63 8.33 29.71
C GLY A 276 -15.14 8.11 29.65
N PRO A 277 -15.90 9.11 29.18
CA PRO A 277 -15.49 10.45 28.73
C PRO A 277 -14.92 11.30 29.85
N GLY A 278 -14.05 12.25 29.51
CA GLY A 278 -13.54 13.27 30.46
C GLY A 278 -12.49 12.79 31.46
N PHE A 279 -11.96 13.74 32.25
CA PHE A 279 -10.94 13.48 33.29
C PHE A 279 -11.52 13.04 34.68
N THR A 280 -10.65 12.67 35.64
CA THR A 280 -11.09 12.32 37.02
C THR A 280 -11.26 13.52 37.95
N GLY A 281 -12.18 13.37 38.90
CA GLY A 281 -12.54 14.36 39.92
C GLY A 281 -11.90 15.73 39.98
N ASN A 282 -10.66 15.79 40.42
CA ASN A 282 -9.98 17.07 40.65
C ASN A 282 -9.80 17.87 39.37
N PHE A 283 -9.56 17.14 38.28
CA PHE A 283 -9.35 17.73 36.96
C PHE A 283 -10.60 17.59 36.09
N SER A 284 -11.73 17.23 36.69
CA SER A 284 -12.96 16.94 35.92
C SER A 284 -13.44 18.16 35.15
N THR A 285 -12.87 19.31 35.48
CA THR A 285 -13.29 20.60 34.92
C THR A 285 -12.35 21.08 33.80
N GLN A 286 -11.14 20.54 33.77
CA GLN A 286 -10.18 20.86 32.70
C GLN A 286 -10.63 20.25 31.38
N LYS A 287 -10.20 20.87 30.27
CA LYS A 287 -10.53 20.37 28.94
C LYS A 287 -9.30 20.20 28.02
N VAL A 288 -9.52 19.63 26.84
CA VAL A 288 -8.49 19.49 25.80
C VAL A 288 -8.83 20.40 24.62
N LYS A 289 -7.84 21.15 24.12
CA LYS A 289 -8.06 22.07 23.01
C LYS A 289 -7.02 21.87 21.88
N MET A 290 -7.52 21.62 20.67
CA MET A 290 -6.64 21.47 19.48
C MET A 290 -6.47 22.85 18.82
N HIS A 291 -5.30 23.13 18.27
CA HIS A 291 -5.13 24.30 17.43
C HIS A 291 -4.57 23.86 16.06
N ILE A 292 -5.45 23.79 15.06
CA ILE A 292 -5.03 23.29 13.73
C ILE A 292 -5.25 24.37 12.70
N HIS A 293 -4.15 24.80 12.09
CA HIS A 293 -4.10 25.89 11.11
C HIS A 293 -3.51 25.52 9.70
N SER A 294 -3.41 24.22 9.45
CA SER A 294 -2.93 23.70 8.15
C SER A 294 -3.84 24.16 7.02
N THR A 295 -3.26 24.27 5.81
CA THR A 295 -4.07 24.68 4.65
CA THR A 295 -4.01 24.73 4.64
C THR A 295 -3.90 23.70 3.50
N ASN A 296 -5.00 23.50 2.76
CA ASN A 296 -4.97 22.65 1.56
C ASN A 296 -4.70 23.59 0.38
N GLU A 297 -3.78 23.22 -0.51
CA GLU A 297 -3.37 24.08 -1.59
C GLU A 297 -3.10 23.27 -2.83
N VAL A 298 -3.62 23.71 -3.96
CA VAL A 298 -3.35 22.98 -5.21
C VAL A 298 -1.86 23.27 -5.52
N THR A 299 -1.08 22.22 -5.78
CA THR A 299 0.38 22.32 -5.86
C THR A 299 0.88 21.42 -6.99
N ARG A 300 1.94 21.84 -7.70
CA ARG A 300 2.45 20.98 -8.80
C ARG A 300 3.31 19.82 -8.27
N ILE A 301 3.13 18.67 -8.88
CA ILE A 301 3.87 17.46 -8.51
C ILE A 301 4.46 16.91 -9.82
N TYR A 302 5.50 16.09 -9.71
CA TYR A 302 6.25 15.62 -10.86
C TYR A 302 6.55 14.14 -10.77
N ASN A 303 6.03 13.38 -11.70
CA ASN A 303 6.51 12.00 -11.85
C ASN A 303 7.66 11.92 -12.86
N VAL A 304 8.63 11.05 -12.62
CA VAL A 304 9.66 10.78 -13.67
C VAL A 304 9.25 9.43 -14.28
N ILE A 305 9.12 9.43 -15.58
CA ILE A 305 8.73 8.24 -16.40
C ILE A 305 9.87 7.95 -17.42
N GLY A 306 10.51 6.81 -17.23
CA GLY A 306 11.63 6.35 -18.09
C GLY A 306 11.12 5.21 -18.96
N THR A 307 11.54 5.18 -20.21
CA THR A 307 11.12 4.12 -21.14
C THR A 307 12.33 3.36 -21.66
N LEU A 308 12.25 2.03 -21.61
CA LEU A 308 13.20 1.15 -22.32
C LEU A 308 12.39 0.35 -23.32
N ARG A 309 12.44 0.77 -24.58
CA ARG A 309 11.57 0.22 -25.64
C ARG A 309 11.88 -1.27 -25.92
N GLY A 310 10.84 -2.09 -25.98
CA GLY A 310 10.97 -3.50 -26.26
C GLY A 310 11.38 -3.75 -27.73
N ALA A 311 12.19 -4.78 -27.93
CA ALA A 311 12.67 -5.19 -29.28
C ALA A 311 11.61 -5.84 -30.11
N VAL A 312 10.70 -6.59 -29.48
CA VAL A 312 9.77 -7.43 -30.23
C VAL A 312 8.30 -7.01 -30.00
N GLU A 313 7.97 -6.75 -28.73
CA GLU A 313 6.62 -6.29 -28.39
C GLU A 313 6.69 -4.96 -27.66
N PRO A 314 7.02 -3.87 -28.39
CA PRO A 314 7.17 -2.57 -27.75
C PRO A 314 5.83 -2.02 -27.26
N ASP A 315 4.74 -2.56 -27.80
CA ASP A 315 3.39 -2.18 -27.34
C ASP A 315 2.88 -3.02 -26.14
N ARG A 316 3.78 -3.63 -25.38
CA ARG A 316 3.41 -4.35 -24.16
C ARG A 316 4.29 -3.78 -23.10
N TYR A 317 3.67 -3.33 -22.00
CA TYR A 317 4.40 -2.59 -20.95
C TYR A 317 4.50 -3.37 -19.67
N VAL A 318 5.74 -3.42 -19.20
CA VAL A 318 6.00 -3.93 -17.84
C VAL A 318 6.49 -2.73 -17.05
N ILE A 319 5.82 -2.46 -15.94
CA ILE A 319 6.07 -1.22 -15.19
C ILE A 319 6.72 -1.51 -13.86
N LEU A 320 7.82 -0.83 -13.57
CA LEU A 320 8.40 -0.87 -12.23
C LEU A 320 8.29 0.53 -11.64
N GLY A 321 7.51 0.68 -10.57
CA GLY A 321 7.21 2.05 -10.08
C GLY A 321 7.25 2.13 -8.57
N GLY A 322 7.74 3.28 -8.03
CA GLY A 322 7.67 3.49 -6.59
C GLY A 322 7.82 4.99 -6.38
N HIS A 323 7.47 5.46 -5.21
CA HIS A 323 7.42 6.91 -4.99
C HIS A 323 8.78 7.49 -4.55
N ARG A 324 8.88 8.80 -4.61
CA ARG A 324 10.13 9.52 -4.38
C ARG A 324 9.89 10.50 -3.28
N ASP A 325 8.64 10.99 -3.14
CA ASP A 325 8.34 12.01 -2.11
C ASP A 325 8.42 11.34 -0.74
N SER A 326 8.90 12.08 0.26
CA SER A 326 9.01 11.54 1.62
C SER A 326 8.45 12.57 2.61
N TRP A 327 8.08 12.11 3.82
CA TRP A 327 7.65 13.06 4.85
C TRP A 327 8.81 13.95 5.28
N VAL A 328 9.98 13.35 5.54
CA VAL A 328 11.15 14.16 5.83
C VAL A 328 12.32 13.59 5.02
N PHE A 329 13.27 12.90 5.66
CA PHE A 329 14.44 12.42 4.89
C PHE A 329 14.19 11.15 4.11
N GLY A 330 13.14 10.40 4.49
CA GLY A 330 12.77 9.19 3.69
C GLY A 330 13.83 8.10 3.69
N GLY A 331 14.55 7.96 4.82
CA GLY A 331 15.67 7.01 4.87
C GLY A 331 15.20 5.60 4.56
N ILE A 332 14.03 5.23 5.10
CA ILE A 332 13.46 3.95 4.67
C ILE A 332 12.38 4.27 3.60
N ASP A 333 11.44 5.12 4.01
CA ASP A 333 10.20 5.39 3.19
C ASP A 333 10.32 6.72 2.44
N PRO A 334 10.55 6.67 1.12
CA PRO A 334 10.66 5.54 0.19
C PRO A 334 12.08 5.33 -0.32
N GLN A 335 13.08 6.05 0.21
CA GLN A 335 14.35 6.04 -0.53
C GLN A 335 15.08 4.69 -0.49
N SER A 336 14.82 3.83 0.51
CA SER A 336 15.35 2.47 0.41
C SER A 336 14.82 1.73 -0.82
N GLY A 337 13.58 2.03 -1.20
CA GLY A 337 13.01 1.52 -2.46
C GLY A 337 13.52 2.24 -3.70
N ALA A 338 13.56 3.57 -3.64
CA ALA A 338 13.96 4.34 -4.84
C ALA A 338 15.43 4.10 -5.24
N ALA A 339 16.29 3.84 -4.24
CA ALA A 339 17.72 3.55 -4.50
C ALA A 339 17.84 2.22 -5.21
N VAL A 340 16.96 1.31 -4.83
CA VAL A 340 16.87 0.00 -5.50
C VAL A 340 16.42 0.15 -6.94
N VAL A 341 15.37 0.93 -7.16
CA VAL A 341 14.92 1.17 -8.52
C VAL A 341 16.07 1.80 -9.36
N HIS A 342 16.80 2.76 -8.78
CA HIS A 342 17.87 3.48 -9.52
C HIS A 342 18.93 2.48 -9.97
N GLU A 343 19.30 1.53 -9.08
CA GLU A 343 20.31 0.52 -9.44
C GLU A 343 19.77 -0.48 -10.46
N ILE A 344 18.47 -0.78 -10.37
CA ILE A 344 17.83 -1.63 -11.40
C ILE A 344 17.89 -0.98 -12.78
N VAL A 345 17.57 0.30 -12.86
CA VAL A 345 17.65 1.04 -14.13
C VAL A 345 19.10 1.05 -14.65
N ARG A 346 20.02 1.30 -13.73
CA ARG A 346 21.47 1.31 -14.09
C ARG A 346 21.86 -0.02 -14.71
N SER A 347 21.47 -1.14 -14.07
CA SER A 347 21.77 -2.50 -14.57
CA SER A 347 21.78 -2.46 -14.57
C SER A 347 21.13 -2.76 -15.92
N PHE A 348 19.83 -2.44 -16.07
CA PHE A 348 19.20 -2.61 -17.39
C PHE A 348 19.88 -1.74 -18.46
N GLY A 349 20.30 -0.52 -18.09
CA GLY A 349 20.94 0.38 -19.05
C GLY A 349 22.32 -0.15 -19.47
N THR A 350 23.02 -0.81 -18.54
CA THR A 350 24.29 -1.47 -18.88
C THR A 350 24.13 -2.51 -19.99
N LEU A 351 23.09 -3.35 -19.90
N LEU A 351 23.10 -3.37 -19.90
CA LEU A 351 22.88 -4.36 -20.95
CA LEU A 351 22.85 -4.36 -20.95
C LEU A 351 22.45 -3.65 -22.23
C LEU A 351 22.44 -3.67 -22.23
N LYS A 352 21.62 -2.63 -22.09
CA LYS A 352 21.16 -1.86 -23.25
C LYS A 352 22.37 -1.27 -24.03
N LYS A 353 23.33 -0.69 -23.33
CA LYS A 353 24.54 -0.13 -23.96
C LYS A 353 25.38 -1.15 -24.73
N GLU A 354 25.27 -2.40 -24.34
CA GLU A 354 25.91 -3.55 -25.03
C GLU A 354 25.08 -4.14 -26.15
N GLY A 355 23.95 -3.51 -26.44
CA GLY A 355 23.14 -3.88 -27.59
C GLY A 355 21.90 -4.69 -27.27
N TRP A 356 21.66 -4.95 -25.99
CA TRP A 356 20.52 -5.80 -25.62
C TRP A 356 19.30 -4.90 -25.45
N ARG A 357 18.13 -5.45 -25.72
CA ARG A 357 16.85 -4.81 -25.41
C ARG A 357 15.93 -5.88 -24.88
N PRO A 358 15.04 -5.50 -23.92
CA PRO A 358 14.06 -6.47 -23.47
C PRO A 358 13.08 -6.81 -24.59
N ARG A 359 12.42 -7.94 -24.49
CA ARG A 359 11.40 -8.31 -25.51
C ARG A 359 10.25 -7.25 -25.53
N ARG A 360 9.76 -6.94 -24.34
CA ARG A 360 8.63 -5.98 -24.12
C ARG A 360 9.19 -4.68 -23.55
N THR A 361 8.43 -3.60 -23.71
CA THR A 361 8.82 -2.32 -23.16
C THR A 361 8.79 -2.36 -21.63
N ILE A 362 9.81 -1.77 -21.02
CA ILE A 362 9.83 -1.55 -19.57
C ILE A 362 9.67 -0.08 -19.32
N LEU A 363 8.69 0.26 -18.48
CA LEU A 363 8.48 1.63 -17.99
C LEU A 363 8.96 1.69 -16.55
N PHE A 364 9.76 2.70 -16.27
CA PHE A 364 10.24 2.94 -14.91
C PHE A 364 9.62 4.23 -14.40
N ALA A 365 9.12 4.19 -13.16
CA ALA A 365 8.44 5.37 -12.58
C ALA A 365 8.93 5.77 -11.20
N SER A 366 9.15 7.06 -11.04
CA SER A 366 9.42 7.68 -9.75
C SER A 366 8.20 8.57 -9.44
N TRP A 367 7.28 8.05 -8.63
CA TRP A 367 6.00 8.72 -8.38
C TRP A 367 6.12 9.83 -7.34
N ASP A 368 5.34 10.90 -7.56
CA ASP A 368 5.32 11.99 -6.59
C ASP A 368 4.02 11.87 -5.77
N ALA A 369 4.01 12.59 -4.63
CA ALA A 369 2.81 12.76 -3.75
C ALA A 369 2.13 11.46 -3.36
N GLU A 370 2.91 10.37 -3.27
CA GLU A 370 2.36 9.11 -2.78
C GLU A 370 1.86 9.31 -1.35
N GLU A 371 2.60 10.09 -0.57
CA GLU A 371 2.26 10.23 0.87
C GLU A 371 0.98 11.04 1.07
N PHE A 372 0.50 11.73 0.02
CA PHE A 372 -0.73 12.49 0.13
C PHE A 372 -1.94 11.83 -0.54
N GLY A 373 -1.89 10.51 -0.71
CA GLY A 373 -3.03 9.77 -1.22
C GLY A 373 -2.79 9.08 -2.56
N LEU A 374 -1.54 8.70 -2.86
CA LEU A 374 -1.20 7.96 -4.12
C LEU A 374 -1.47 8.89 -5.30
N LEU A 375 -1.19 10.18 -5.12
CA LEU A 375 -1.70 11.12 -6.17
C LEU A 375 -0.97 11.04 -7.49
N GLY A 376 0.36 10.96 -7.46
CA GLY A 376 1.15 10.95 -8.70
C GLY A 376 0.86 9.73 -9.54
N SER A 377 0.83 8.54 -8.92
CA SER A 377 0.60 7.34 -9.75
C SER A 377 -0.83 7.37 -10.26
N THR A 378 -1.76 7.83 -9.42
CA THR A 378 -3.16 7.78 -9.86
C THR A 378 -3.43 8.76 -11.02
N GLU A 379 -2.89 9.98 -10.92
CA GLU A 379 -3.15 10.96 -12.01
C GLU A 379 -2.55 10.45 -13.31
N TRP A 380 -1.33 9.88 -13.24
CA TRP A 380 -0.66 9.36 -14.45
C TRP A 380 -1.47 8.19 -15.02
N ALA A 381 -1.99 7.30 -14.15
CA ALA A 381 -2.79 6.20 -14.64
C ALA A 381 -4.12 6.73 -15.24
N GLU A 382 -4.74 7.77 -14.62
CA GLU A 382 -5.96 8.38 -15.25
C GLU A 382 -5.66 8.99 -16.62
N GLU A 383 -4.50 9.63 -16.73
CA GLU A 383 -4.09 10.21 -18.00
C GLU A 383 -3.89 9.12 -19.08
N ASN A 384 -3.26 8.02 -18.67
CA ASN A 384 -2.81 6.99 -19.65
C ASN A 384 -3.65 5.71 -19.61
N SER A 385 -4.88 5.82 -19.08
CA SER A 385 -5.65 4.60 -18.77
C SER A 385 -5.92 3.77 -20.01
N ARG A 386 -6.18 4.40 -21.17
CA ARG A 386 -6.42 3.56 -22.37
C ARG A 386 -5.17 2.77 -22.81
N LEU A 387 -4.00 3.41 -22.78
CA LEU A 387 -2.77 2.70 -23.11
C LEU A 387 -2.55 1.53 -22.11
N LEU A 388 -2.79 1.81 -20.83
CA LEU A 388 -2.50 0.83 -19.76
C LEU A 388 -3.45 -0.31 -19.83
N GLN A 389 -4.72 -0.07 -20.08
N GLN A 389 -4.74 0.01 -20.06
CA GLN A 389 -5.57 -1.25 -20.07
CA GLN A 389 -5.81 -0.98 -20.26
C GLN A 389 -5.51 -2.13 -21.34
C GLN A 389 -5.42 -2.06 -21.30
N GLU A 390 -5.03 -1.61 -22.48
CA GLU A 390 -4.87 -2.47 -23.63
C GLU A 390 -3.43 -3.01 -23.75
N ARG A 391 -2.47 -2.40 -23.04
CA ARG A 391 -1.06 -2.77 -23.24
C ARG A 391 -0.34 -3.22 -21.93
N GLY A 392 -0.97 -3.02 -20.78
CA GLY A 392 -0.27 -3.14 -19.47
C GLY A 392 -0.20 -4.63 -19.14
N VAL A 393 1.03 -5.16 -19.13
CA VAL A 393 1.22 -6.55 -18.77
C VAL A 393 1.24 -6.74 -17.25
N ALA A 394 1.99 -5.88 -16.57
CA ALA A 394 2.23 -6.06 -15.16
C ALA A 394 2.79 -4.82 -14.53
N TYR A 395 2.57 -4.70 -13.22
CA TYR A 395 3.09 -3.58 -12.45
C TYR A 395 3.78 -4.17 -11.21
N ILE A 396 5.04 -3.82 -11.01
CA ILE A 396 5.78 -4.18 -9.82
C ILE A 396 6.05 -2.89 -9.05
N ASN A 397 5.59 -2.87 -7.80
CA ASN A 397 5.82 -1.72 -6.93
C ASN A 397 7.26 -1.69 -6.37
N ALA A 398 7.65 -0.53 -5.84
CA ALA A 398 9.01 -0.37 -5.34
C ALA A 398 9.09 0.75 -4.31
N ASP A 399 8.30 0.61 -3.25
CA ASP A 399 8.43 1.53 -2.12
C ASP A 399 9.50 0.86 -1.21
N SER A 400 9.56 1.25 0.05
CA SER A 400 10.57 0.81 1.04
C SER A 400 11.03 -0.65 0.81
N SER A 401 12.34 -0.82 0.59
N SER A 401 12.33 -0.84 0.59
CA SER A 401 12.89 -2.16 0.32
CA SER A 401 12.83 -2.18 0.32
C SER A 401 13.01 -2.94 1.62
C SER A 401 13.02 -2.95 1.62
N ILE A 402 13.13 -2.23 2.74
CA ILE A 402 13.28 -2.87 4.04
C ILE A 402 12.36 -2.21 5.04
N GLU A 403 11.65 -2.99 5.83
N GLU A 403 11.65 -3.02 5.82
CA GLU A 403 10.97 -2.45 7.02
CA GLU A 403 10.88 -2.55 6.95
C GLU A 403 11.41 -3.29 8.21
C GLU A 403 11.28 -3.44 8.15
N GLY A 404 12.36 -4.19 7.96
CA GLY A 404 12.93 -5.09 8.99
C GLY A 404 14.04 -5.87 8.31
N ASN A 405 14.66 -6.82 8.98
CA ASN A 405 15.72 -7.62 8.30
C ASN A 405 15.62 -9.10 8.57
N TYR A 406 14.40 -9.55 8.77
CA TYR A 406 14.13 -10.94 9.11
C TYR A 406 13.90 -11.81 7.88
N THR A 407 12.93 -11.44 7.03
CA THR A 407 12.73 -12.29 5.87
C THR A 407 11.95 -11.52 4.79
N LEU A 408 11.75 -12.19 3.66
CA LEU A 408 11.01 -11.58 2.54
C LEU A 408 9.53 -11.52 2.82
N ARG A 409 8.84 -10.57 2.16
CA ARG A 409 7.40 -10.44 2.27
C ARG A 409 6.93 -10.06 0.87
N VAL A 410 6.05 -10.87 0.32
CA VAL A 410 5.59 -10.66 -1.05
C VAL A 410 4.06 -10.59 -0.97
N ASP A 411 3.48 -9.62 -1.65
CA ASP A 411 2.04 -9.55 -1.87
C ASP A 411 1.85 -9.43 -3.39
N CYS A 412 1.02 -10.26 -3.97
CA CYS A 412 0.87 -10.21 -5.42
C CYS A 412 -0.39 -10.93 -5.84
N THR A 413 -0.73 -10.75 -7.10
CA THR A 413 -1.77 -11.54 -7.74
CA THR A 413 -1.77 -11.54 -7.74
CA THR A 413 -1.77 -11.54 -7.74
C THR A 413 -1.38 -13.00 -7.80
N PRO A 414 -2.36 -13.92 -7.66
CA PRO A 414 -2.01 -15.34 -7.81
C PRO A 414 -1.31 -15.60 -9.17
N LEU A 415 -1.55 -14.76 -10.20
CA LEU A 415 -0.90 -14.98 -11.51
C LEU A 415 0.63 -14.96 -11.40
N MET A 416 1.17 -14.36 -10.35
CA MET A 416 2.61 -14.24 -10.18
CA MET A 416 2.62 -14.30 -10.23
C MET A 416 3.19 -15.28 -9.20
N TYR A 417 2.34 -16.09 -8.58
CA TYR A 417 2.87 -17.00 -7.53
C TYR A 417 4.04 -17.90 -8.04
N SER A 418 3.85 -18.47 -9.22
CA SER A 418 4.83 -19.44 -9.77
C SER A 418 6.09 -18.75 -10.15
N LEU A 419 5.96 -17.59 -10.81
CA LEU A 419 7.10 -16.68 -11.08
C LEU A 419 7.92 -16.42 -9.79
N VAL A 420 7.24 -16.06 -8.71
CA VAL A 420 7.93 -15.68 -7.46
C VAL A 420 8.61 -16.91 -6.84
N HIS A 421 7.90 -18.02 -6.77
CA HIS A 421 8.52 -19.29 -6.32
C HIS A 421 9.79 -19.64 -7.13
N ASN A 422 9.66 -19.63 -8.46
CA ASN A 422 10.79 -20.02 -9.32
C ASN A 422 11.96 -19.05 -9.20
N LEU A 423 11.67 -17.75 -9.15
CA LEU A 423 12.76 -16.80 -8.99
C LEU A 423 13.51 -16.92 -7.68
N THR A 424 12.78 -16.97 -6.57
CA THR A 424 13.41 -17.01 -5.26
C THR A 424 14.20 -18.33 -5.09
N LYS A 425 13.85 -19.39 -5.82
CA LYS A 425 14.68 -20.64 -5.75
C LYS A 425 16.06 -20.45 -6.40
N GLU A 426 16.20 -19.43 -7.23
CA GLU A 426 17.44 -19.22 -8.00
C GLU A 426 18.28 -18.10 -7.42
N LEU A 427 17.76 -17.44 -6.38
CA LEU A 427 18.49 -16.38 -5.69
C LEU A 427 19.11 -16.85 -4.38
N LYS A 428 20.24 -16.25 -4.03
CA LYS A 428 20.94 -16.63 -2.79
C LYS A 428 20.28 -15.96 -1.59
N SER A 429 20.07 -16.72 -0.52
CA SER A 429 19.63 -16.09 0.72
C SER A 429 20.70 -15.18 1.32
N PRO A 430 20.30 -13.97 1.73
CA PRO A 430 21.28 -13.16 2.45
C PRO A 430 21.25 -13.42 3.96
N ASP A 431 20.40 -14.34 4.42
CA ASP A 431 20.09 -14.45 5.85
C ASP A 431 21.20 -15.21 6.58
N GLU A 432 21.47 -14.77 7.80
CA GLU A 432 22.44 -15.47 8.68
C GLU A 432 21.95 -16.89 8.96
N GLY A 433 22.86 -17.85 8.81
CA GLY A 433 22.50 -19.26 8.95
C GLY A 433 21.98 -19.91 7.67
N PHE A 434 21.79 -19.13 6.61
CA PHE A 434 21.33 -19.71 5.35
C PHE A 434 22.33 -19.46 4.24
N GLU A 435 23.59 -19.31 4.62
CA GLU A 435 24.69 -19.17 3.66
C GLU A 435 24.70 -20.36 2.69
N GLY A 436 24.79 -20.08 1.39
CA GLY A 436 24.73 -21.14 0.39
C GLY A 436 23.36 -21.76 0.13
N LYS A 437 22.32 -21.25 0.80
CA LYS A 437 20.96 -21.71 0.57
C LYS A 437 20.18 -20.65 -0.25
N SER A 438 19.09 -21.09 -0.85
CA SER A 438 18.27 -20.21 -1.69
C SER A 438 17.42 -19.26 -0.82
N LEU A 439 17.05 -18.10 -1.40
CA LEU A 439 16.09 -17.22 -0.75
C LEU A 439 14.77 -17.98 -0.51
N TYR A 440 14.35 -18.82 -1.45
CA TYR A 440 13.13 -19.59 -1.27
C TYR A 440 13.14 -20.41 0.01
N GLU A 441 14.28 -21.07 0.25
CA GLU A 441 14.45 -21.89 1.47
C GLU A 441 14.35 -21.07 2.76
N SER A 442 15.07 -19.94 2.84
CA SER A 442 15.06 -19.09 4.03
C SER A 442 13.69 -18.47 4.28
N TRP A 443 13.05 -18.00 3.21
CA TRP A 443 11.77 -17.35 3.28
C TRP A 443 10.68 -18.37 3.68
N THR A 444 10.74 -19.56 3.08
CA THR A 444 9.77 -20.58 3.38
C THR A 444 9.93 -21.05 4.84
N LYS A 445 11.17 -21.13 5.30
CA LYS A 445 11.42 -21.52 6.68
C LYS A 445 10.90 -20.46 7.66
N LYS A 446 11.17 -19.19 7.40
CA LYS A 446 10.80 -18.13 8.35
C LYS A 446 9.35 -17.65 8.27
N SER A 447 8.72 -17.85 7.10
CA SER A 447 7.37 -17.38 6.85
C SER A 447 6.58 -18.49 6.14
N PRO A 448 6.27 -19.58 6.88
CA PRO A 448 5.60 -20.64 6.18
C PRO A 448 4.17 -20.29 5.75
N SER A 449 3.77 -20.88 4.65
CA SER A 449 2.40 -20.85 4.23
C SER A 449 1.51 -21.41 5.34
N PRO A 450 0.39 -20.71 5.64
CA PRO A 450 -0.50 -21.27 6.69
C PRO A 450 -1.26 -22.52 6.19
N GLU A 451 -1.19 -22.75 4.88
CA GLU A 451 -1.94 -23.81 4.22
C GLU A 451 -1.08 -24.95 3.66
N PHE A 452 0.07 -24.65 3.04
CA PHE A 452 0.85 -25.69 2.34
C PHE A 452 2.27 -25.88 2.86
N SER A 453 2.60 -27.11 3.22
N SER A 453 2.60 -27.10 3.26
CA SER A 453 3.93 -27.42 3.75
CA SER A 453 3.94 -27.39 3.76
C SER A 453 4.98 -27.27 2.64
C SER A 453 4.95 -27.21 2.63
N GLY A 454 6.12 -26.68 2.97
CA GLY A 454 7.20 -26.47 2.01
C GLY A 454 7.02 -25.27 1.06
N MET A 455 5.99 -24.47 1.31
N MET A 455 5.97 -24.49 1.31
CA MET A 455 5.76 -23.22 0.55
CA MET A 455 5.68 -23.25 0.58
C MET A 455 5.67 -22.01 1.45
C MET A 455 5.80 -22.03 1.51
N PRO A 456 6.12 -20.84 0.95
CA PRO A 456 6.09 -19.60 1.74
C PRO A 456 4.72 -18.91 1.72
N ARG A 457 4.50 -18.01 2.69
CA ARG A 457 3.31 -17.18 2.71
C ARG A 457 3.47 -16.12 1.62
N ILE A 458 2.45 -15.97 0.77
CA ILE A 458 2.30 -14.78 -0.07
C ILE A 458 0.94 -14.14 0.21
N SER A 459 0.92 -12.82 0.46
CA SER A 459 -0.30 -12.18 0.87
C SER A 459 -1.01 -11.56 -0.33
N LYS A 460 -2.22 -11.10 -0.06
CA LYS A 460 -3.05 -10.43 -1.08
C LYS A 460 -2.59 -8.98 -1.19
N LEU A 461 -2.77 -8.39 -2.36
CA LEU A 461 -2.67 -6.94 -2.47
C LEU A 461 -3.96 -6.29 -2.04
N GLY A 462 -3.83 -5.27 -1.24
CA GLY A 462 -5.00 -4.48 -0.84
C GLY A 462 -4.86 -3.06 -1.35
N SER A 463 -4.54 -2.16 -0.42
CA SER A 463 -4.66 -0.74 -0.67
C SER A 463 -3.42 -0.06 -0.07
N GLY A 464 -3.21 1.24 -0.32
CA GLY A 464 -2.29 1.98 0.52
C GLY A 464 -0.90 2.18 -0.11
N ASN A 465 -0.75 1.79 -1.37
CA ASN A 465 0.50 2.11 -2.07
C ASN A 465 0.27 2.23 -3.58
N ASP A 466 1.32 2.52 -4.35
CA ASP A 466 1.09 3.03 -5.69
C ASP A 466 0.64 1.97 -6.70
N PHE A 467 0.64 0.70 -6.32
CA PHE A 467 0.09 -0.35 -7.19
C PHE A 467 -1.43 -0.20 -7.26
N GLU A 468 -2.00 0.59 -6.34
CA GLU A 468 -3.47 0.52 -6.12
C GLU A 468 -4.26 0.82 -7.40
N VAL A 469 -3.96 1.93 -8.06
CA VAL A 469 -4.76 2.24 -9.28
C VAL A 469 -4.59 1.17 -10.37
N PHE A 470 -3.35 0.68 -10.54
CA PHE A 470 -3.11 -0.29 -11.60
C PHE A 470 -3.88 -1.59 -11.37
N PHE A 471 -3.90 -2.03 -10.13
CA PHE A 471 -4.48 -3.35 -9.79
C PHE A 471 -5.98 -3.24 -9.53
N GLN A 472 -6.36 -2.34 -8.60
CA GLN A 472 -7.76 -2.27 -8.15
C GLN A 472 -8.70 -1.49 -9.13
N ARG A 473 -8.17 -0.49 -9.84
CA ARG A 473 -9.02 0.20 -10.82
C ARG A 473 -8.87 -0.39 -12.23
N LEU A 474 -7.61 -0.59 -12.68
CA LEU A 474 -7.42 -1.00 -14.06
C LEU A 474 -7.28 -2.52 -14.29
N GLY A 475 -6.99 -3.30 -13.26
CA GLY A 475 -6.94 -4.78 -13.45
C GLY A 475 -5.69 -5.21 -14.20
N ILE A 476 -4.58 -4.57 -13.86
CA ILE A 476 -3.25 -5.00 -14.35
C ILE A 476 -2.58 -5.85 -13.27
N ALA A 477 -2.17 -7.06 -13.63
CA ALA A 477 -1.48 -7.98 -12.70
C ALA A 477 -0.38 -7.25 -11.94
N SER A 478 -0.38 -7.31 -10.59
CA SER A 478 0.52 -6.46 -9.82
C SER A 478 1.19 -7.30 -8.73
N GLY A 479 2.36 -6.84 -8.25
CA GLY A 479 3.07 -7.54 -7.15
C GLY A 479 4.00 -6.56 -6.43
N ARG A 480 4.46 -6.98 -5.25
CA ARG A 480 5.42 -6.18 -4.52
C ARG A 480 6.18 -7.15 -3.63
N ALA A 481 7.41 -6.76 -3.29
CA ALA A 481 8.28 -7.59 -2.43
C ALA A 481 9.17 -6.67 -1.65
N ARG A 482 9.45 -7.04 -0.39
N ARG A 482 9.36 -7.03 -0.36
CA ARG A 482 10.36 -6.25 0.39
CA ARG A 482 10.03 -6.17 0.64
C ARG A 482 10.83 -7.16 1.52
C ARG A 482 10.60 -7.01 1.79
N TYR A 483 11.79 -6.68 2.28
CA TYR A 483 12.24 -7.37 3.51
C TYR A 483 11.48 -6.81 4.70
N THR A 484 11.12 -7.68 5.64
CA THR A 484 10.25 -7.26 6.72
C THR A 484 10.77 -7.84 8.05
N LYS A 485 10.11 -7.45 9.14
CA LYS A 485 10.45 -7.93 10.50
C LYS A 485 9.82 -9.29 10.83
N ASN A 486 10.15 -9.85 11.99
CA ASN A 486 9.43 -11.01 12.53
C ASN A 486 8.10 -10.50 13.10
N TRP A 487 7.00 -10.89 12.46
CA TRP A 487 5.64 -10.47 12.81
C TRP A 487 5.04 -11.14 14.06
N GLU A 488 5.92 -11.51 15.00
CA GLU A 488 5.50 -12.07 16.29
C GLU A 488 6.48 -11.67 17.37
N THR A 489 6.80 -10.37 17.41
CA THR A 489 7.72 -9.77 18.37
C THR A 489 7.25 -8.36 18.71
N GLY A 494 3.67 -1.82 11.50
CA GLY A 494 4.81 -1.33 10.73
C GLY A 494 6.10 -1.41 11.53
N TYR A 495 6.86 -0.30 11.59
CA TYR A 495 8.17 -0.29 12.28
C TYR A 495 8.25 0.95 13.13
N PRO A 496 9.11 0.95 14.16
CA PRO A 496 8.99 2.03 15.14
C PRO A 496 9.10 3.45 14.58
N LEU A 497 10.00 3.69 13.63
CA LEU A 497 10.27 5.09 13.27
C LEU A 497 9.52 5.54 12.02
N TYR A 498 8.54 4.74 11.64
CA TYR A 498 7.71 5.01 10.44
C TYR A 498 7.20 6.46 10.38
N HIS A 499 7.53 7.19 9.30
CA HIS A 499 7.04 8.56 9.05
C HIS A 499 7.46 9.60 10.10
N SER A 500 8.53 9.28 10.81
CA SER A 500 9.14 10.20 11.77
C SER A 500 10.43 10.83 11.15
N VAL A 501 10.89 11.95 11.75
CA VAL A 501 12.12 12.61 11.31
C VAL A 501 13.35 11.68 11.48
N TYR A 502 13.25 10.63 12.31
CA TYR A 502 14.38 9.74 12.60
C TYR A 502 14.60 8.69 11.51
N GLU A 503 13.73 8.68 10.50
CA GLU A 503 13.98 7.81 9.32
C GLU A 503 15.06 8.38 8.45
N THR A 504 16.31 7.97 8.69
CA THR A 504 17.46 8.62 8.09
C THR A 504 18.36 7.60 7.43
N TYR A 505 19.31 8.08 6.62
CA TYR A 505 20.35 7.20 6.12
C TYR A 505 21.01 6.42 7.30
N GLU A 506 21.26 7.11 8.41
CA GLU A 506 22.02 6.46 9.52
C GLU A 506 21.23 5.32 10.15
N LEU A 507 19.93 5.52 10.28
CA LEU A 507 19.04 4.47 10.74
C LEU A 507 19.26 3.21 9.90
N VAL A 508 19.26 3.35 8.58
CA VAL A 508 19.39 2.18 7.70
C VAL A 508 20.80 1.58 7.77
N GLU A 509 21.81 2.44 7.62
CA GLU A 509 23.21 1.98 7.51
C GLU A 509 23.70 1.39 8.84
N LYS A 510 23.26 1.94 9.97
CA LYS A 510 23.74 1.45 11.27
C LYS A 510 22.94 0.25 11.76
N PHE A 511 21.60 0.31 11.59
CA PHE A 511 20.74 -0.60 12.33
C PHE A 511 19.96 -1.59 11.51
N TYR A 512 19.71 -1.29 10.23
CA TYR A 512 18.90 -2.21 9.41
C TYR A 512 19.72 -3.08 8.48
N ASP A 513 20.64 -2.49 7.73
CA ASP A 513 21.28 -3.24 6.65
C ASP A 513 22.65 -2.66 6.34
N PRO A 514 23.60 -2.74 7.31
CA PRO A 514 24.92 -2.15 7.09
C PRO A 514 25.67 -2.63 5.85
N MET A 515 25.52 -3.89 5.45
N MET A 515 25.46 -3.88 5.47
CA MET A 515 26.18 -4.41 4.22
CA MET A 515 26.10 -4.51 4.28
C MET A 515 25.32 -4.23 2.95
C MET A 515 25.32 -4.26 2.98
N PHE A 516 24.12 -3.70 3.11
CA PHE A 516 23.20 -3.49 1.96
C PHE A 516 22.85 -4.77 1.25
N LYS A 517 22.97 -5.88 1.97
CA LYS A 517 22.67 -7.19 1.35
C LYS A 517 21.16 -7.46 1.26
N TYR A 518 20.39 -6.96 2.22
CA TYR A 518 18.91 -7.08 2.14
C TYR A 518 18.37 -6.20 1.00
N HIS A 519 18.87 -4.97 0.88
CA HIS A 519 18.60 -4.13 -0.30
C HIS A 519 18.94 -4.85 -1.60
N LEU A 520 20.13 -5.44 -1.68
CA LEU A 520 20.50 -6.17 -2.87
C LEU A 520 19.57 -7.34 -3.17
N THR A 521 19.21 -8.11 -2.15
CA THR A 521 18.28 -9.21 -2.35
C THR A 521 16.95 -8.68 -2.88
N VAL A 522 16.46 -7.57 -2.33
CA VAL A 522 15.18 -7.00 -2.81
C VAL A 522 15.33 -6.47 -4.26
N ALA A 523 16.46 -5.88 -4.59
CA ALA A 523 16.73 -5.50 -5.97
C ALA A 523 16.67 -6.70 -6.93
N GLN A 524 17.25 -7.82 -6.51
CA GLN A 524 17.20 -9.05 -7.29
C GLN A 524 15.77 -9.60 -7.48
N VAL A 525 14.96 -9.53 -6.45
CA VAL A 525 13.58 -10.04 -6.53
C VAL A 525 12.79 -9.09 -7.44
N ARG A 526 12.83 -7.80 -7.16
CA ARG A 526 12.01 -6.84 -7.98
C ARG A 526 12.53 -6.82 -9.39
N GLY A 527 13.86 -6.65 -9.50
CA GLY A 527 14.45 -6.59 -10.83
C GLY A 527 14.28 -7.88 -11.63
N GLY A 528 14.46 -9.02 -10.97
CA GLY A 528 14.28 -10.30 -11.61
C GLY A 528 12.83 -10.52 -12.10
N MET A 529 11.87 -10.09 -11.29
CA MET A 529 10.46 -10.23 -11.69
C MET A 529 10.23 -9.42 -12.96
N VAL A 530 10.72 -8.19 -12.95
CA VAL A 530 10.55 -7.30 -14.11
C VAL A 530 11.24 -7.92 -15.34
N PHE A 531 12.46 -8.43 -15.15
CA PHE A 531 13.19 -9.09 -16.24
C PHE A 531 12.38 -10.22 -16.87
N GLU A 532 11.87 -11.16 -16.06
N GLU A 532 11.85 -11.13 -16.06
CA GLU A 532 11.07 -12.26 -16.59
CA GLU A 532 11.10 -12.26 -16.60
C GLU A 532 9.81 -11.74 -17.31
C GLU A 532 9.73 -11.87 -17.20
N LEU A 533 9.12 -10.80 -16.68
CA LEU A 533 7.83 -10.34 -17.21
C LEU A 533 8.09 -9.68 -18.55
N ALA A 534 9.25 -9.02 -18.67
CA ALA A 534 9.51 -8.27 -19.90
C ALA A 534 10.22 -9.09 -20.99
N ASN A 535 10.77 -10.24 -20.63
N ASN A 535 10.75 -10.25 -20.60
CA ASN A 535 11.60 -11.00 -21.60
CA ASN A 535 11.61 -11.07 -21.48
C ASN A 535 11.12 -12.39 -21.96
C ASN A 535 11.20 -12.51 -21.71
N SER A 536 10.46 -13.06 -21.01
N SER A 536 10.27 -13.05 -20.94
CA SER A 536 9.99 -14.43 -21.23
CA SER A 536 9.86 -14.44 -21.17
C SER A 536 9.10 -14.46 -22.47
C SER A 536 8.98 -14.53 -22.40
N ILE A 537 9.28 -15.47 -23.29
CA ILE A 537 8.50 -15.59 -24.52
C ILE A 537 7.02 -15.72 -24.21
N VAL A 538 6.70 -16.69 -23.36
CA VAL A 538 5.32 -16.84 -22.85
C VAL A 538 5.28 -16.05 -21.51
N LEU A 539 4.27 -15.18 -21.34
CA LEU A 539 4.18 -14.41 -20.06
C LEU A 539 4.24 -15.38 -18.89
N PRO A 540 4.96 -15.00 -17.81
CA PRO A 540 5.15 -15.99 -16.72
C PRO A 540 4.03 -15.95 -15.68
N PHE A 541 2.81 -16.17 -16.15
CA PHE A 541 1.58 -16.22 -15.33
C PHE A 541 1.01 -17.62 -15.36
N ASP A 542 0.56 -18.12 -14.22
CA ASP A 542 -0.09 -19.44 -14.22
C ASP A 542 -1.52 -19.28 -13.80
N CYS A 543 -2.43 -19.30 -14.77
CA CYS A 543 -3.85 -19.12 -14.43
C CYS A 543 -4.41 -20.16 -13.48
N ARG A 544 -3.80 -21.35 -13.40
CA ARG A 544 -4.25 -22.38 -12.43
C ARG A 544 -4.13 -21.94 -10.98
N ASP A 545 -3.15 -21.07 -10.70
CA ASP A 545 -3.05 -20.51 -9.36
C ASP A 545 -4.24 -19.63 -8.99
N TYR A 546 -4.84 -18.93 -9.96
CA TYR A 546 -6.05 -18.17 -9.65
C TYR A 546 -7.17 -19.14 -9.31
N ALA A 547 -7.29 -20.26 -10.05
CA ALA A 547 -8.39 -21.22 -9.77
C ALA A 547 -8.36 -21.73 -8.33
N VAL A 548 -7.16 -22.04 -7.86
CA VAL A 548 -6.97 -22.54 -6.51
C VAL A 548 -7.46 -21.51 -5.44
N VAL A 549 -7.05 -20.25 -5.59
CA VAL A 549 -7.42 -19.28 -4.54
CA VAL A 549 -7.36 -19.22 -4.63
C VAL A 549 -8.88 -18.91 -4.66
N LEU A 550 -9.45 -18.96 -5.87
CA LEU A 550 -10.89 -18.60 -6.01
C LEU A 550 -11.75 -19.58 -5.21
N ARG A 551 -11.33 -20.85 -5.19
CA ARG A 551 -12.09 -21.85 -4.43
C ARG A 551 -11.95 -21.57 -2.96
N LYS A 552 -10.73 -21.27 -2.51
CA LYS A 552 -10.50 -20.88 -1.14
C LYS A 552 -11.37 -19.69 -0.74
N TYR A 553 -11.44 -18.66 -1.60
CA TYR A 553 -12.17 -17.44 -1.18
C TYR A 553 -13.67 -17.70 -1.22
N ALA A 554 -14.11 -18.56 -2.13
CA ALA A 554 -15.53 -18.92 -2.19
C ALA A 554 -15.93 -19.72 -0.94
N ASP A 555 -15.10 -20.69 -0.58
CA ASP A 555 -15.29 -21.42 0.69
C ASP A 555 -15.42 -20.42 1.88
N LYS A 556 -14.53 -19.45 1.93
CA LYS A 556 -14.50 -18.50 3.01
C LYS A 556 -15.75 -17.62 3.09
N ILE A 557 -16.15 -17.05 1.95
CA ILE A 557 -17.31 -16.20 1.95
C ILE A 557 -18.62 -17.01 2.28
N TYR A 558 -18.72 -18.21 1.71
CA TYR A 558 -19.80 -19.13 2.08
C TYR A 558 -19.81 -19.34 3.61
N SER A 559 -18.65 -19.59 4.21
CA SER A 559 -18.58 -19.84 5.67
C SER A 559 -19.08 -18.65 6.51
N ILE A 560 -18.80 -17.43 6.06
CA ILE A 560 -19.30 -16.22 6.71
C ILE A 560 -20.83 -16.15 6.63
N SER A 561 -21.38 -16.40 5.45
CA SER A 561 -22.81 -16.34 5.27
C SER A 561 -23.50 -17.38 6.13
N MET A 562 -22.87 -18.54 6.22
CA MET A 562 -23.43 -19.69 6.97
C MET A 562 -23.45 -19.53 8.48
N LYS A 563 -22.96 -18.39 8.95
CA LYS A 563 -23.27 -17.94 10.31
C LYS A 563 -24.75 -17.53 10.49
N HIS A 564 -25.50 -17.47 9.38
CA HIS A 564 -26.89 -17.03 9.41
C HIS A 564 -27.80 -18.05 8.68
N PRO A 565 -27.79 -19.32 9.14
CA PRO A 565 -28.49 -20.37 8.43
C PRO A 565 -29.97 -20.09 8.25
N GLN A 566 -30.64 -19.55 9.28
CA GLN A 566 -32.09 -19.29 9.20
CA GLN A 566 -32.10 -19.34 9.14
C GLN A 566 -32.39 -18.32 8.06
N GLU A 567 -31.58 -17.24 7.99
CA GLU A 567 -31.85 -16.24 6.95
C GLU A 567 -31.55 -16.79 5.57
N MET A 568 -30.52 -17.64 5.47
CA MET A 568 -30.22 -18.21 4.14
C MET A 568 -31.36 -19.12 3.69
N LYS A 569 -32.00 -19.80 4.65
CA LYS A 569 -33.19 -20.60 4.27
C LYS A 569 -34.38 -19.73 3.84
N THR A 570 -34.66 -18.70 4.64
CA THR A 570 -35.80 -17.82 4.42
C THR A 570 -35.75 -17.06 3.13
N TYR A 571 -34.56 -16.53 2.80
CA TYR A 571 -34.38 -15.73 1.62
C TYR A 571 -33.75 -16.52 0.47
N SER A 572 -33.64 -17.84 0.62
CA SER A 572 -33.15 -18.70 -0.46
C SER A 572 -31.78 -18.22 -0.98
N VAL A 573 -30.84 -18.06 -0.05
CA VAL A 573 -29.50 -17.54 -0.41
C VAL A 573 -28.62 -18.72 -0.81
N SER A 574 -28.37 -18.88 -2.12
CA SER A 574 -27.54 -19.99 -2.55
C SER A 574 -26.20 -19.51 -3.07
N PHE A 575 -25.12 -20.18 -2.70
CA PHE A 575 -23.81 -19.91 -3.32
C PHE A 575 -23.54 -20.84 -4.49
N ASP A 576 -24.56 -21.59 -4.94
CA ASP A 576 -24.33 -22.60 -5.96
C ASP A 576 -23.71 -22.02 -7.23
N SER A 577 -24.18 -20.83 -7.64
CA SER A 577 -23.70 -20.24 -8.87
C SER A 577 -22.22 -19.89 -8.74
N LEU A 578 -21.82 -19.39 -7.58
CA LEU A 578 -20.42 -19.01 -7.40
C LEU A 578 -19.48 -20.24 -7.41
N PHE A 579 -19.88 -21.31 -6.70
CA PHE A 579 -19.08 -22.54 -6.79
C PHE A 579 -19.03 -23.13 -8.19
N SER A 580 -20.16 -23.07 -8.92
CA SER A 580 -20.22 -23.52 -10.32
C SER A 580 -19.22 -22.74 -11.16
N ALA A 581 -19.20 -21.41 -11.01
CA ALA A 581 -18.30 -20.58 -11.81
C ALA A 581 -16.84 -20.94 -11.48
N VAL A 582 -16.57 -21.17 -10.19
CA VAL A 582 -15.18 -21.47 -9.72
C VAL A 582 -14.76 -22.81 -10.30
N LYS A 583 -15.68 -23.76 -10.31
CA LYS A 583 -15.43 -25.09 -10.91
C LYS A 583 -15.14 -24.99 -12.40
N ASN A 584 -15.95 -24.20 -13.11
CA ASN A 584 -15.70 -23.97 -14.51
C ASN A 584 -14.36 -23.29 -14.78
N PHE A 585 -14.03 -22.29 -13.95
CA PHE A 585 -12.76 -21.59 -14.08
C PHE A 585 -11.63 -22.62 -13.94
N THR A 586 -11.76 -23.52 -12.95
CA THR A 586 -10.73 -24.55 -12.68
C THR A 586 -10.54 -25.44 -13.94
N GLU A 587 -11.65 -25.89 -14.52
CA GLU A 587 -11.60 -26.79 -15.69
C GLU A 587 -11.04 -26.08 -16.91
N ILE A 588 -11.53 -24.85 -17.16
CA ILE A 588 -11.10 -24.10 -18.32
C ILE A 588 -9.62 -23.72 -18.18
N ALA A 589 -9.21 -23.28 -17.00
CA ALA A 589 -7.78 -22.90 -16.81
C ALA A 589 -6.89 -24.13 -17.02
N SER A 590 -7.36 -25.29 -16.52
CA SER A 590 -6.58 -26.54 -16.70
C SER A 590 -6.40 -26.82 -18.21
N LYS A 591 -7.45 -26.71 -19.00
CA LYS A 591 -7.35 -26.93 -20.46
CA LYS A 591 -7.36 -26.92 -20.46
C LYS A 591 -6.48 -25.88 -21.14
N PHE A 592 -6.58 -24.61 -20.71
CA PHE A 592 -5.76 -23.59 -21.29
C PHE A 592 -4.28 -23.84 -21.03
N SER A 593 -3.96 -24.25 -19.81
CA SER A 593 -2.56 -24.55 -19.49
C SER A 593 -1.99 -25.68 -20.39
N GLU A 594 -2.83 -26.67 -20.68
CA GLU A 594 -2.47 -27.76 -21.62
C GLU A 594 -2.13 -27.17 -23.01
N ARG A 595 -3.01 -26.28 -23.52
CA ARG A 595 -2.74 -25.66 -24.83
C ARG A 595 -1.49 -24.81 -24.83
N LEU A 596 -1.23 -24.14 -23.71
CA LEU A 596 -0.10 -23.25 -23.59
C LEU A 596 1.21 -24.05 -23.64
N GLN A 597 1.16 -25.28 -23.12
CA GLN A 597 2.34 -26.16 -23.13
C GLN A 597 2.49 -26.80 -24.49
N ASP A 598 1.36 -27.09 -25.15
CA ASP A 598 1.27 -27.88 -26.40
C ASP A 598 1.31 -27.14 -27.75
N PHE A 599 1.61 -25.82 -27.79
CA PHE A 599 1.80 -25.08 -29.08
C PHE A 599 3.30 -24.70 -29.25
N SER A 602 6.61 -22.57 -32.94
N SER A 602 7.31 -20.03 -32.32
CA SER A 602 6.74 -21.71 -34.10
CA SER A 602 7.92 -19.25 -33.42
C SER A 602 5.67 -20.60 -34.44
C SER A 602 6.87 -18.78 -34.43
N ASN A 603 4.46 -20.61 -33.85
N ASN A 603 5.59 -18.99 -34.11
CA ASN A 603 3.40 -19.70 -34.33
CA ASN A 603 4.51 -18.43 -34.89
C ASN A 603 3.19 -18.45 -33.45
C ASN A 603 4.13 -17.10 -34.19
N PRO A 604 3.60 -17.27 -33.94
N PRO A 604 4.57 -15.95 -34.74
CA PRO A 604 3.69 -16.17 -32.99
CA PRO A 604 4.35 -14.71 -33.98
C PRO A 604 2.31 -15.55 -32.78
C PRO A 604 2.87 -14.36 -33.64
N ILE A 605 1.36 -15.83 -33.69
N ILE A 605 1.93 -14.46 -34.58
CA ILE A 605 -0.01 -15.40 -33.52
CA ILE A 605 0.51 -14.15 -34.24
C ILE A 605 -0.70 -16.17 -32.43
C ILE A 605 -0.13 -15.14 -33.29
N VAL A 606 -0.52 -17.49 -32.40
N VAL A 606 0.13 -16.42 -33.46
CA VAL A 606 -1.05 -18.30 -31.32
CA VAL A 606 -0.36 -17.40 -32.47
C VAL A 606 -0.44 -17.90 -29.98
C VAL A 606 0.23 -17.12 -31.06
N LEU A 607 0.88 -17.71 -29.97
N LEU A 607 1.52 -16.80 -30.98
CA LEU A 607 1.60 -17.23 -28.80
CA LEU A 607 2.11 -16.47 -29.69
C LEU A 607 1.04 -15.92 -28.29
C LEU A 607 1.43 -15.22 -29.09
N ARG A 608 0.96 -14.92 -29.16
N ARG A 608 1.07 -14.26 -29.94
CA ARG A 608 0.55 -13.57 -28.80
CA ARG A 608 0.40 -13.06 -29.43
C ARG A 608 -0.93 -13.59 -28.48
C ARG A 608 -0.98 -13.35 -28.75
N MET A 609 -1.72 -14.32 -29.27
CA MET A 609 -3.10 -14.68 -28.80
C MET A 609 -3.07 -15.26 -27.39
N MET A 610 -2.18 -16.23 -27.12
CA MET A 610 -2.15 -16.81 -25.80
C MET A 610 -1.61 -15.82 -24.75
N ASN A 611 -0.61 -15.05 -25.14
CA ASN A 611 -0.09 -14.03 -24.22
C ASN A 611 -1.16 -12.96 -23.96
N ASP A 612 -1.92 -12.59 -24.97
CA ASP A 612 -3.04 -11.69 -24.72
C ASP A 612 -4.04 -12.29 -23.73
N GLN A 613 -4.38 -13.59 -23.89
CA GLN A 613 -5.29 -14.23 -22.92
C GLN A 613 -4.71 -14.17 -21.54
N LEU A 614 -3.40 -14.40 -21.40
CA LEU A 614 -2.81 -14.29 -20.07
C LEU A 614 -2.81 -12.85 -19.49
N MET A 615 -2.50 -11.90 -20.35
CA MET A 615 -2.44 -10.46 -19.93
C MET A 615 -3.86 -9.96 -19.54
N PHE A 616 -4.84 -10.33 -20.34
CA PHE A 616 -6.24 -9.86 -20.04
C PHE A 616 -7.00 -10.65 -19.00
N LEU A 617 -6.36 -11.69 -18.42
CA LEU A 617 -7.05 -12.48 -17.40
C LEU A 617 -7.26 -11.64 -16.11
N GLU A 618 -6.22 -10.96 -15.63
CA GLU A 618 -6.45 -10.02 -14.55
C GLU A 618 -7.52 -8.98 -14.91
N ARG A 619 -7.48 -8.54 -16.16
CA ARG A 619 -8.35 -7.48 -16.62
C ARG A 619 -9.80 -7.96 -16.51
N ALA A 620 -10.02 -9.25 -16.70
CA ALA A 620 -11.41 -9.78 -16.71
C ALA A 620 -12.08 -9.72 -15.34
N PHE A 621 -11.29 -9.56 -14.26
CA PHE A 621 -11.93 -9.44 -12.97
C PHE A 621 -12.45 -8.03 -12.64
N ILE A 622 -12.20 -7.07 -13.54
CA ILE A 622 -12.73 -5.69 -13.38
C ILE A 622 -14.25 -5.65 -13.75
N ASP A 623 -15.04 -5.07 -12.86
CA ASP A 623 -16.45 -4.73 -13.17
C ASP A 623 -16.49 -3.23 -13.54
N PRO A 624 -16.91 -2.89 -14.77
CA PRO A 624 -16.88 -1.47 -15.12
C PRO A 624 -17.89 -0.62 -14.31
N LEU A 625 -18.79 -1.27 -13.55
CA LEU A 625 -19.70 -0.54 -12.67
C LEU A 625 -19.11 -0.34 -11.27
N GLY A 626 -17.89 -0.87 -11.07
CA GLY A 626 -17.23 -0.73 -9.75
C GLY A 626 -17.93 -1.46 -8.61
N LEU A 627 -17.54 -1.19 -7.38
N LEU A 627 -17.54 -1.19 -7.38
CA LEU A 627 -18.29 -1.66 -6.22
CA LEU A 627 -18.24 -1.68 -6.19
C LEU A 627 -19.31 -0.61 -5.72
C LEU A 627 -19.26 -0.62 -5.69
N PRO A 628 -20.31 -1.03 -4.93
CA PRO A 628 -21.31 -0.04 -4.49
C PRO A 628 -20.76 1.26 -3.86
N ASP A 629 -21.12 2.39 -4.47
CA ASP A 629 -20.67 3.73 -4.06
C ASP A 629 -19.14 3.92 -4.11
N ARG A 630 -18.44 2.98 -4.76
CA ARG A 630 -16.93 3.08 -4.85
C ARG A 630 -16.54 2.78 -6.30
N PRO A 631 -16.81 3.74 -7.20
CA PRO A 631 -16.64 3.50 -8.65
C PRO A 631 -15.20 3.23 -9.03
N PHE A 632 -14.24 3.66 -8.23
CA PHE A 632 -12.81 3.44 -8.57
C PHE A 632 -12.18 2.18 -8.00
N TYR A 633 -12.99 1.41 -7.25
CA TYR A 633 -12.56 0.07 -6.87
C TYR A 633 -13.36 -0.89 -7.70
N ARG A 634 -12.72 -1.56 -8.66
CA ARG A 634 -13.51 -2.28 -9.65
C ARG A 634 -13.11 -3.77 -9.69
N HIS A 635 -12.07 -4.15 -8.94
CA HIS A 635 -11.58 -5.57 -9.02
C HIS A 635 -12.56 -6.41 -8.15
N VAL A 636 -13.23 -7.41 -8.73
CA VAL A 636 -14.34 -8.08 -8.00
C VAL A 636 -13.74 -9.05 -6.98
N ILE A 637 -12.51 -9.52 -7.22
CA ILE A 637 -11.92 -10.49 -6.26
C ILE A 637 -11.26 -9.80 -5.08
N TYR A 638 -10.53 -8.71 -5.34
CA TYR A 638 -9.60 -8.16 -4.36
C TYR A 638 -9.79 -6.71 -3.90
N ALA A 639 -10.73 -6.00 -4.45
CA ALA A 639 -10.91 -4.58 -3.95
C ALA A 639 -10.98 -4.50 -2.45
N PRO A 640 -10.48 -3.39 -1.83
CA PRO A 640 -10.72 -3.21 -0.35
C PRO A 640 -12.21 -3.24 0.04
N SER A 641 -12.50 -3.94 1.12
CA SER A 641 -13.81 -3.89 1.76
C SER A 641 -14.03 -2.46 2.30
N SER A 642 -15.27 -2.01 2.18
CA SER A 642 -15.72 -0.76 2.71
C SER A 642 -15.64 -0.83 4.25
N HIS A 643 -15.83 -2.02 4.80
CA HIS A 643 -16.02 -2.23 6.26
C HIS A 643 -14.78 -2.74 7.03
N ASN A 644 -13.78 -3.26 6.30
CA ASN A 644 -12.35 -3.08 6.67
C ASN A 644 -12.11 -1.58 6.88
N GLU A 649 -12.21 -9.47 3.72
CA GLU A 649 -11.97 -10.67 2.91
C GLU A 649 -12.09 -10.32 1.42
N SER A 650 -11.53 -11.20 0.56
CA SER A 650 -11.77 -11.23 -0.91
C SER A 650 -13.25 -11.38 -1.22
N PHE A 651 -13.66 -11.28 -2.49
CA PHE A 651 -15.09 -11.09 -2.81
C PHE A 651 -15.66 -9.96 -1.95
N PRO A 652 -15.08 -8.75 -2.09
CA PRO A 652 -15.48 -7.67 -1.18
C PRO A 652 -16.93 -7.26 -1.33
N GLY A 653 -17.52 -7.41 -2.53
CA GLY A 653 -18.95 -7.02 -2.72
C GLY A 653 -19.84 -7.86 -1.79
N ILE A 654 -19.59 -9.18 -1.80
CA ILE A 654 -20.40 -10.08 -0.96
C ILE A 654 -20.03 -9.87 0.54
N TYR A 655 -18.74 -9.72 0.81
CA TYR A 655 -18.30 -9.52 2.20
C TYR A 655 -18.96 -8.28 2.86
N ASP A 656 -18.93 -7.14 2.14
CA ASP A 656 -19.57 -5.92 2.62
C ASP A 656 -21.09 -6.06 2.75
N ALA A 657 -21.72 -6.79 1.83
CA ALA A 657 -23.17 -7.03 1.94
C ALA A 657 -23.51 -7.84 3.21
N LEU A 658 -22.62 -8.74 3.59
CA LEU A 658 -22.83 -9.58 4.80
C LEU A 658 -22.43 -8.92 6.14
N PHE A 659 -21.65 -7.86 6.05
CA PHE A 659 -21.01 -7.28 7.24
C PHE A 659 -22.05 -6.66 8.13
N ASP A 660 -22.08 -7.14 9.37
CA ASP A 660 -23.03 -6.63 10.37
C ASP A 660 -24.46 -6.72 9.85
N ILE A 661 -24.74 -7.76 9.05
CA ILE A 661 -26.04 -7.85 8.43
C ILE A 661 -27.17 -8.03 9.48
N GLU A 662 -26.83 -8.67 10.61
CA GLU A 662 -27.80 -8.91 11.68
C GLU A 662 -28.36 -7.64 12.32
N SER A 663 -27.72 -6.48 12.06
CA SER A 663 -28.18 -5.18 12.57
CA SER A 663 -28.20 -5.19 12.59
C SER A 663 -29.05 -4.41 11.58
N LYS A 664 -29.12 -4.87 10.34
CA LYS A 664 -29.91 -4.17 9.32
C LYS A 664 -31.39 -4.23 9.66
N VAL A 665 -32.11 -3.14 9.42
CA VAL A 665 -33.51 -3.07 9.88
C VAL A 665 -34.45 -3.78 8.90
N ASP A 666 -34.04 -3.89 7.65
CA ASP A 666 -34.86 -4.54 6.63
C ASP A 666 -34.07 -5.76 6.13
N PRO A 667 -34.16 -6.90 6.87
CA PRO A 667 -33.38 -8.09 6.48
C PRO A 667 -33.66 -8.59 5.04
N SER A 668 -34.92 -8.47 4.59
CA SER A 668 -35.27 -8.89 3.23
C SER A 668 -34.43 -8.14 2.19
N LYS A 669 -34.36 -6.82 2.36
CA LYS A 669 -33.57 -6.00 1.49
C LYS A 669 -32.05 -6.33 1.62
N ALA A 670 -31.57 -6.52 2.84
CA ALA A 670 -30.16 -6.78 3.10
C ALA A 670 -29.73 -8.11 2.45
N TRP A 671 -30.53 -9.17 2.67
CA TRP A 671 -30.21 -10.46 2.06
C TRP A 671 -30.42 -10.47 0.53
N GLY A 672 -31.36 -9.69 0.03
CA GLY A 672 -31.48 -9.47 -1.43
C GLY A 672 -30.18 -8.91 -1.99
N GLU A 673 -29.56 -8.00 -1.26
CA GLU A 673 -28.32 -7.42 -1.74
C GLU A 673 -27.17 -8.43 -1.65
N VAL A 674 -27.19 -9.31 -0.63
CA VAL A 674 -26.21 -10.38 -0.61
C VAL A 674 -26.36 -11.24 -1.88
N LYS A 675 -27.60 -11.61 -2.21
CA LYS A 675 -27.84 -12.43 -3.41
C LYS A 675 -27.39 -11.69 -4.67
N ARG A 676 -27.64 -10.38 -4.70
CA ARG A 676 -27.18 -9.64 -5.89
C ARG A 676 -25.64 -9.73 -6.02
N GLN A 677 -24.92 -9.62 -4.90
CA GLN A 677 -23.46 -9.65 -4.97
C GLN A 677 -22.97 -11.05 -5.36
N ILE A 678 -23.68 -12.10 -4.89
CA ILE A 678 -23.28 -13.46 -5.31
C ILE A 678 -23.43 -13.59 -6.83
N TYR A 679 -24.55 -13.14 -7.39
CA TYR A 679 -24.75 -13.15 -8.85
C TYR A 679 -23.63 -12.37 -9.57
N VAL A 680 -23.30 -11.18 -9.07
CA VAL A 680 -22.21 -10.39 -9.76
C VAL A 680 -20.86 -11.13 -9.72
N ALA A 681 -20.56 -11.74 -8.57
CA ALA A 681 -19.30 -12.46 -8.42
C ALA A 681 -19.26 -13.71 -9.27
N ALA A 682 -20.32 -14.53 -9.25
CA ALA A 682 -20.37 -15.74 -10.08
C ALA A 682 -20.23 -15.35 -11.53
N PHE A 683 -21.02 -14.38 -11.97
CA PHE A 683 -20.91 -13.92 -13.36
C PHE A 683 -19.47 -13.53 -13.72
N THR A 684 -18.85 -12.75 -12.85
CA THR A 684 -17.49 -12.25 -13.16
C THR A 684 -16.49 -13.39 -13.24
N VAL A 685 -16.57 -14.30 -12.29
CA VAL A 685 -15.70 -15.48 -12.35
C VAL A 685 -15.88 -16.27 -13.64
N GLN A 686 -17.13 -16.58 -13.99
CA GLN A 686 -17.41 -17.29 -15.25
C GLN A 686 -16.94 -16.51 -16.47
N ALA A 687 -17.14 -15.20 -16.44
CA ALA A 687 -16.72 -14.37 -17.55
C ALA A 687 -15.18 -14.39 -17.72
N ALA A 688 -14.45 -14.31 -16.60
CA ALA A 688 -12.97 -14.38 -16.63
C ALA A 688 -12.57 -15.76 -17.17
N ALA A 689 -13.23 -16.83 -16.65
CA ALA A 689 -12.94 -18.18 -17.15
C ALA A 689 -13.08 -18.26 -18.65
N GLU A 690 -14.17 -17.66 -19.19
CA GLU A 690 -14.42 -17.72 -20.61
C GLU A 690 -13.39 -17.00 -21.48
N THR A 691 -12.65 -16.08 -20.90
CA THR A 691 -11.52 -15.46 -21.63
C THR A 691 -10.40 -16.42 -21.93
N LEU A 692 -10.36 -17.54 -21.20
CA LEU A 692 -9.33 -18.55 -21.37
C LEU A 692 -9.85 -19.69 -22.24
N SER A 693 -11.16 -19.70 -22.56
CA SER A 693 -11.65 -20.67 -23.56
C SER A 693 -10.99 -20.51 -24.94
N GLU A 694 -11.04 -21.55 -25.79
CA GLU A 694 -10.63 -21.34 -27.18
C GLU A 694 -11.40 -20.12 -27.76
N VAL A 695 -10.71 -19.32 -28.55
CA VAL A 695 -11.25 -17.97 -28.84
C VAL A 695 -12.34 -18.03 -29.94
N ALA A 696 -12.41 -19.16 -30.66
CA ALA A 696 -13.40 -19.31 -31.74
C ALA A 696 -13.42 -20.79 -32.12
C1 NAG B . 23.54 13.27 -5.59
C2 NAG B . 24.25 14.51 -5.07
C3 NAG B . 24.26 15.58 -6.17
C4 NAG B . 24.71 15.05 -7.53
C5 NAG B . 23.96 13.76 -7.87
C6 NAG B . 24.42 13.16 -9.20
C7 NAG B . 24.10 14.87 -2.64
C8 NAG B . 23.29 15.44 -1.52
N2 NAG B . 23.60 15.01 -3.89
O3 NAG B . 25.12 16.64 -5.81
O4 NAG B . 24.35 16.02 -8.49
O5 NAG B . 24.15 12.85 -6.79
O6 NAG B . 25.77 12.78 -9.09
O7 NAG B . 25.16 14.28 -2.37
C1 NAG B . 25.48 16.49 -9.25
C2 NAG B . 24.96 17.11 -10.56
C3 NAG B . 26.10 17.75 -11.35
C4 NAG B . 26.94 18.70 -10.48
C5 NAG B . 27.35 17.98 -9.18
C6 NAG B . 28.03 18.92 -8.17
C7 NAG B . 23.04 15.89 -11.62
C8 NAG B . 22.09 16.70 -10.80
N2 NAG B . 24.33 16.13 -11.44
O3 NAG B . 25.48 18.44 -12.42
O4 NAG B . 28.07 19.16 -11.22
O5 NAG B . 26.20 17.47 -8.53
O6 NAG B . 27.10 19.93 -7.86
O7 NAG B . 22.62 15.01 -12.41
C1 NAG C . 1.02 27.01 25.48
C2 NAG C . 1.44 27.67 26.80
C3 NAG C . 0.61 28.92 27.04
C4 NAG C . 0.72 29.88 25.83
C5 NAG C . 0.47 29.11 24.48
C6 NAG C . 0.70 29.94 23.20
C7 NAG C . 2.39 26.30 28.57
C8 NAG C . 2.15 25.36 29.71
N2 NAG C . 1.32 26.76 27.94
O3 NAG C . 1.04 29.57 28.22
O4 NAG C . -0.20 30.93 26.10
O5 NAG C . 1.26 27.93 24.42
O6 NAG C . 2.08 30.16 23.01
O7 NAG C . 3.54 26.59 28.25
C1 NAG C . 0.33 32.22 25.74
C2 NAG C . -0.84 33.19 25.54
C3 NAG C . -0.37 34.63 25.24
C4 NAG C . 0.93 35.06 25.94
C5 NAG C . 1.94 33.90 25.99
C6 NAG C . 3.27 34.32 26.64
C7 NAG C . -2.72 31.79 24.67
C8 NAG C . -3.51 31.41 23.46
N2 NAG C . -1.72 32.69 24.49
O3 NAG C . -1.39 35.55 25.58
O4 NAG C . 1.50 36.20 25.32
O5 NAG C . 1.35 32.76 26.59
O6 NAG C . 3.36 33.85 27.97
O7 NAG C . -3.00 31.29 25.75
C1 NAG D . 8.30 -22.57 -12.73
C2 NAG D . 7.57 -22.23 -14.03
C3 NAG D . 6.84 -23.48 -14.47
C4 NAG D . 7.79 -24.67 -14.58
C5 NAG D . 8.49 -24.92 -13.23
C6 NAG D . 9.56 -26.03 -13.25
C7 NAG D . 6.67 -20.01 -14.62
C8 NAG D . 7.64 -19.91 -15.73
N2 NAG D . 6.66 -21.11 -13.86
O3 NAG D . 6.26 -23.18 -15.73
O4 NAG D . 6.98 -25.78 -14.90
O5 NAG D . 9.17 -23.69 -12.94
O6 NAG D . 10.47 -25.72 -14.31
O7 NAG D . 5.86 -19.06 -14.45
C1 NAG D . 7.50 -26.46 -16.06
C2 NAG D . 6.73 -27.78 -16.07
C3 NAG D . 7.05 -28.67 -17.28
C4 NAG D . 6.94 -27.84 -18.58
C5 NAG D . 7.69 -26.49 -18.42
C6 NAG D . 7.49 -25.61 -19.66
C7 NAG D . 5.96 -28.60 -13.87
C8 NAG D . 4.64 -27.92 -14.06
N2 NAG D . 6.92 -28.50 -14.81
O3 NAG D . 6.13 -29.74 -17.23
O4 NAG D . 7.41 -28.54 -19.73
O5 NAG D . 7.25 -25.76 -17.25
O6 NAG D . 6.07 -25.43 -19.73
O7 NAG D . 6.13 -29.24 -12.82
C1 NAG E . -20.49 -23.79 -15.65
C2 NAG E . -21.59 -22.70 -15.72
C3 NAG E . -22.90 -23.46 -16.05
C4 NAG E . -22.76 -24.29 -17.35
C5 NAG E . -21.53 -25.19 -17.32
C6 NAG E . -21.35 -25.74 -18.76
C7 NAG E . -21.86 -20.63 -14.46
C8 NAG E . -21.89 -19.96 -13.12
N2 NAG E . -21.70 -21.97 -14.46
O3 NAG E . -23.94 -22.54 -16.17
O4 NAG E . -23.88 -25.16 -17.52
O5 NAG E . -20.39 -24.41 -16.94
O6 NAG E . -20.51 -26.86 -18.81
O7 NAG E . -21.94 -19.98 -15.51
C1 NAG E . -25.03 -24.45 -18.03
C2 NAG E . -25.66 -25.23 -19.17
C3 NAG E . -27.06 -24.72 -19.51
C4 NAG E . -27.94 -24.59 -18.26
C5 NAG E . -27.18 -23.77 -17.19
C6 NAG E . -27.93 -23.76 -15.86
C7 NAG E . -24.20 -26.19 -20.89
C8 NAG E . -24.21 -27.51 -20.16
N2 NAG E . -24.89 -25.15 -20.39
O3 NAG E . -27.57 -25.66 -20.44
O4 NAG E . -29.11 -23.83 -18.54
O5 NAG E . -25.91 -24.32 -16.93
O6 NAG E . -27.57 -22.59 -15.14
O7 NAG E . -23.54 -26.07 -21.92
C1 BMA E . -30.18 -24.64 -19.03
C2 BMA E . -31.50 -24.11 -18.46
C3 BMA E . -32.69 -24.87 -19.02
C4 BMA E . -32.62 -24.96 -20.55
C5 BMA E . -31.23 -25.43 -21.03
C6 BMA E . -31.06 -25.37 -22.53
O2 BMA E . -31.64 -22.72 -18.80
O3 BMA E . -33.86 -24.15 -18.59
O4 BMA E . -33.65 -25.83 -21.00
O5 BMA E . -30.20 -24.60 -20.45
O6 BMA E . -29.72 -25.81 -22.85
C1 MAN E . -34.86 -25.06 -18.04
C2 MAN E . -36.19 -24.30 -17.99
C3 MAN E . -36.14 -23.22 -16.91
C4 MAN E . -35.67 -23.79 -15.57
C5 MAN E . -34.34 -24.55 -15.77
C6 MAN E . -33.67 -25.08 -14.48
O2 MAN E . -37.25 -25.20 -17.77
O3 MAN E . -37.38 -22.61 -16.71
O4 MAN E . -35.49 -22.71 -14.67
O5 MAN E . -34.51 -25.57 -16.75
O6 MAN E . -34.56 -25.90 -13.73
ZN ZN F . 4.88 6.45 3.73
ZN ZN G . 6.27 4.84 1.06
CA CA H . -7.55 13.06 -11.11
CL CL I . 6.57 -2.08 -2.27
C1 NAG J . -0.72 31.50 8.41
C2 NAG J . -1.62 32.10 7.34
C3 NAG J . -1.63 33.65 7.34
C4 NAG J . -1.46 34.27 8.74
C5 NAG J . -0.42 33.51 9.58
C6 NAG J . -0.08 34.13 10.96
C7 NAG J . -2.04 30.74 5.35
C8 NAG J . -1.48 30.18 4.08
N2 NAG J . -1.22 31.50 6.08
O3 NAG J . -2.86 34.04 6.79
O4 NAG J . -1.12 35.64 8.65
O5 NAG J . -0.83 32.15 9.67
O6 NAG J . -1.11 34.00 11.95
O7 NAG J . -3.22 30.49 5.67
C1 NAG K . 18.94 -6.45 11.89
C2 NAG K . 18.03 -5.99 13.02
C3 NAG K . 18.79 -5.94 14.37
C4 NAG K . 19.72 -7.14 14.61
C5 NAG K . 19.96 -8.06 13.40
C6 NAG K . 19.65 -9.52 13.79
C7 NAG K . 16.18 -4.47 12.69
C8 NAG K . 15.78 -3.05 12.41
N2 NAG K . 17.48 -4.69 12.71
O3 NAG K . 17.84 -5.92 15.42
O4 NAG K . 20.95 -6.75 15.22
O5 NAG K . 19.17 -7.81 12.23
O6 NAG K . 18.29 -9.66 14.19
O7 NAG K . 15.32 -5.32 12.90
CAG 5PU L . 1.42 0.27 7.20
CAI 5PU L . 1.38 0.73 8.55
CAS 5PU L . 2.60 1.07 9.15
CAO 5PU L . 2.70 1.54 10.64
OAE 5PU L . 1.65 1.62 11.23
OAA 5PU L . 3.84 1.67 11.16
CAJ 5PU L . 3.78 0.93 8.49
CAH 5PU L . 3.86 0.50 7.17
CAR 5PU L . 2.65 0.16 6.54
CAM 5PU L . 2.77 -0.33 5.07
CAT 5PU L . 2.08 0.62 4.04
CAP 5PU L . 2.18 -0.08 2.66
OAF 5PU L . 3.18 0.15 1.97
OAB 5PU L . 1.32 -0.94 2.43
CAL 5PU L . 2.83 1.96 4.01
CAK 5PU L . 2.09 3.10 3.24
CAQ 5PU L . 3.08 4.28 3.12
OAC 5PU L . 3.51 4.90 4.11
NAN 5PU L . 3.44 4.60 1.90
OAD 5PU L . 4.49 5.45 1.69
C ACT M . 0.31 6.09 4.12
O ACT M . 0.13 6.55 5.15
OXT ACT M . 0.84 6.86 3.28
CH3 ACT M . -0.13 4.68 3.93
#